data_2DMR
#
_entry.id   2DMR
#
_cell.length_a   81.030
_cell.length_b   81.030
_cell.length_c   230.040
_cell.angle_alpha   90.00
_cell.angle_beta   90.00
_cell.angle_gamma   90.00
#
_symmetry.space_group_name_H-M   'P 41 21 2'
#
loop_
_entity.id
_entity.type
_entity.pdbx_description
1 polymer 'DMSO REDUCTASE'
2 non-polymer '2-AMINO-5,6-DIMERCAPTO-7-METHYL-3,7,8A,9-TETRAHYDRO-8-OXA-1,3,9,10-TETRAAZA-ANTHRACEN-4-ONE GUANOSINE DINUCLEOTIDE'
3 non-polymer 'MOLYBDENUM(IV) ION'
4 non-polymer 'OXYGEN ATOM'
5 non-polymer 'SULFUR DIOXIDE'
6 water water
#
_entity_poly.entity_id   1
_entity_poly.type   'polypeptide(L)'
_entity_poly.pdbx_seq_one_letter_code
;MTKFSGNELRAELYRRAFLSYSVAPGALGMFGRSLLAKGARAEALANGTVMSGSHWGVFTATVENGRATAFTPWEKDPHP
SPMLAGVLDSIYSPTRIKYPMVRREFLEKGVNADRSTRGNGDFVRVSWDQALDLVAAEVKRVEETYGPEGVFGGSYGWKS
PGRLHNCTTLLRRMLTLAGGYVNGAGDYSTGAAQVIMPHVVGTLEVYEQQTAWPVLAENTEVMVFWAADPIKTSQIGWVI
PEHGAYPGLEALKAKGTKVIVIDPVRTKTVEFFGAEHITPKPQTDVAIMLGMAHTLVAEDLYDKDFIANYTSGFDKFLPY
LDGETDSTPKTAEWAEGISGVPAETIKELARLFESKRTMLAAGWSMQRMHHGEQAHWMLVTLASMLGQIGLPGGGFGLSY
HYSGGGTPSTSGPALAGITDGGAATKGPEWLAASGASVIPVARVVDMLENPGAEFDFNGTRSKFPDVKMAYWVGGNPFVH
HQDRNRMVKAWEKLETFVVHDFQWTPTARHADIVLPATTSYERNDIETIGDYSNTGILAMKKIVEPLYEARSDYDIFAAV
AERLGKGAEFTEGKDEMGWIKSFYDDAAKQGKAAGVQMPAFDAFWAEGIVEFPVTDGADFVRYASFREDPLLNPLGTPTG
LIEIYSKNIEKMGYDDCPAHPTWMEPLERLDGPGAKYPLHIAASHPFNRLHSQLNGTVLREGYAVQGHEPCLMHPDDAAA
RGIADGDVVRVHNDRGQILTGVKVTDAVMKGVIQIYEGGWYDPSDVTEPGTLDKYGDVNVLSADIGTSKLAQGNCGQTVL
AEVEKYTGPAVTLTGFVAPKAAE
;
_entity_poly.pdbx_strand_id   A
#
# COMPACT_ATOMS: atom_id res chain seq x y z
N LEU A 45 -0.54 -17.29 37.12
CA LEU A 45 -0.64 -16.61 35.78
C LEU A 45 -0.78 -15.10 35.94
N ALA A 46 -0.37 -14.35 34.94
CA ALA A 46 -0.35 -12.91 35.00
C ALA A 46 -1.71 -12.27 35.03
N ASN A 47 -1.81 -11.15 35.69
CA ASN A 47 -2.98 -10.31 35.84
C ASN A 47 -2.47 -8.88 35.96
N GLY A 48 -2.91 -7.96 35.12
CA GLY A 48 -2.38 -6.60 35.16
C GLY A 48 -2.80 -5.92 33.87
N THR A 49 -2.11 -4.88 33.48
CA THR A 49 -2.40 -4.12 32.28
C THR A 49 -1.09 -3.72 31.63
N VAL A 50 -1.01 -3.77 30.31
CA VAL A 50 0.21 -3.49 29.58
C VAL A 50 -0.09 -2.62 28.36
N MET A 51 0.71 -1.57 28.18
CA MET A 51 0.57 -0.65 27.08
C MET A 51 1.53 -1.05 25.96
N SER A 52 1.05 -0.92 24.73
CA SER A 52 1.81 -1.19 23.53
C SER A 52 1.18 -0.45 22.36
N GLY A 53 1.44 -0.92 21.15
CA GLY A 53 0.91 -0.30 19.95
C GLY A 53 1.02 -1.21 18.74
N SER A 54 0.46 -0.70 17.67
CA SER A 54 0.38 -1.42 16.40
C SER A 54 0.23 -0.46 15.25
N HIS A 55 -0.19 -0.96 14.10
CA HIS A 55 -0.47 -0.15 12.93
C HIS A 55 -1.79 0.60 13.06
N TRP A 56 -2.64 0.22 13.98
CA TRP A 56 -3.95 0.78 14.25
C TRP A 56 -3.99 1.76 15.41
N GLY A 57 -2.95 1.78 16.25
CA GLY A 57 -2.83 2.74 17.32
C GLY A 57 -2.10 2.28 18.56
N VAL A 58 -2.06 3.13 19.56
CA VAL A 58 -1.49 2.87 20.86
C VAL A 58 -2.62 2.34 21.74
N PHE A 59 -2.42 1.31 22.53
CA PHE A 59 -3.52 0.77 23.34
C PHE A 59 -3.03 0.17 24.64
N THR A 60 -4.02 -0.20 25.44
CA THR A 60 -3.74 -0.85 26.71
C THR A 60 -4.38 -2.22 26.75
N ALA A 61 -3.61 -3.25 27.06
CA ALA A 61 -4.16 -4.59 27.14
C ALA A 61 -4.55 -4.94 28.57
N THR A 62 -5.55 -5.81 28.68
CA THR A 62 -5.96 -6.32 29.98
C THR A 62 -5.62 -7.79 30.01
N VAL A 63 -4.71 -8.22 30.89
CA VAL A 63 -4.39 -9.64 30.94
C VAL A 63 -5.09 -10.29 32.13
N GLU A 64 -5.72 -11.42 31.91
CA GLU A 64 -6.41 -12.17 32.95
C GLU A 64 -5.92 -13.60 32.89
N ASN A 65 -5.19 -14.05 33.89
CA ASN A 65 -4.66 -15.40 33.88
C ASN A 65 -3.79 -15.69 32.66
N GLY A 66 -2.97 -14.73 32.23
CA GLY A 66 -2.05 -14.94 31.13
C GLY A 66 -2.63 -14.79 29.75
N ARG A 67 -3.85 -14.26 29.68
CA ARG A 67 -4.53 -14.11 28.42
C ARG A 67 -5.01 -12.68 28.24
N ALA A 68 -4.73 -12.12 27.07
CA ALA A 68 -5.18 -10.76 26.77
C ALA A 68 -6.68 -10.79 26.55
N THR A 69 -7.45 -10.12 27.43
CA THR A 69 -8.88 -10.13 27.25
C THR A 69 -9.42 -8.88 26.58
N ALA A 70 -8.72 -7.76 26.63
CA ALA A 70 -9.23 -6.55 26.01
C ALA A 70 -8.09 -5.63 25.59
N PHE A 71 -8.33 -4.81 24.58
CA PHE A 71 -7.39 -3.85 24.06
C PHE A 71 -8.12 -2.50 24.12
N THR A 72 -7.75 -1.57 24.96
CA THR A 72 -8.45 -0.29 25.07
C THR A 72 -7.55 0.77 24.46
N PRO A 73 -8.12 1.65 23.66
CA PRO A 73 -7.32 2.65 22.97
C PRO A 73 -6.72 3.63 23.96
N TRP A 74 -5.61 4.22 23.57
CA TRP A 74 -4.88 5.20 24.34
C TRP A 74 -5.83 6.36 24.57
N GLU A 75 -5.69 7.03 25.70
CA GLU A 75 -6.58 8.11 26.10
C GLU A 75 -6.35 9.34 25.26
N LYS A 76 -5.13 9.57 24.79
CA LYS A 76 -4.83 10.72 23.96
C LYS A 76 -5.06 10.46 22.48
N ASP A 77 -5.56 9.28 22.14
CA ASP A 77 -5.83 8.97 20.74
C ASP A 77 -7.12 9.68 20.36
N PRO A 78 -7.03 10.69 19.50
CA PRO A 78 -8.17 11.46 19.07
C PRO A 78 -9.19 10.73 18.23
N HIS A 79 -8.88 9.57 17.67
CA HIS A 79 -9.84 8.82 16.87
C HIS A 79 -9.46 7.37 16.71
N PRO A 80 -9.73 6.59 17.75
CA PRO A 80 -9.36 5.19 17.74
C PRO A 80 -10.02 4.49 16.57
N SER A 81 -9.42 3.38 16.15
CA SER A 81 -9.95 2.58 15.08
C SER A 81 -10.75 1.41 15.60
N PRO A 82 -11.94 1.17 15.04
CA PRO A 82 -12.80 0.07 15.41
C PRO A 82 -12.17 -1.28 15.20
N MET A 83 -11.10 -1.38 14.45
CA MET A 83 -10.37 -2.61 14.19
C MET A 83 -9.50 -3.09 15.33
N LEU A 84 -9.27 -2.36 16.41
CA LEU A 84 -8.47 -2.87 17.52
C LEU A 84 -8.89 -4.23 18.05
N ALA A 85 -10.18 -4.47 18.19
CA ALA A 85 -10.71 -5.74 18.65
C ALA A 85 -10.23 -6.89 17.77
N GLY A 86 -10.14 -6.66 16.46
CA GLY A 86 -9.65 -7.67 15.55
C GLY A 86 -8.19 -8.00 15.74
N VAL A 87 -7.38 -6.98 16.03
CA VAL A 87 -5.98 -7.16 16.32
C VAL A 87 -5.78 -8.11 17.50
N LEU A 88 -6.54 -8.00 18.58
CA LEU A 88 -6.47 -8.91 19.70
C LEU A 88 -6.84 -10.32 19.29
N ASP A 89 -7.96 -10.42 18.57
CA ASP A 89 -8.46 -11.68 18.07
C ASP A 89 -7.46 -12.43 17.21
N SER A 90 -6.65 -11.76 16.38
CA SER A 90 -5.62 -12.40 15.58
C SER A 90 -4.55 -13.17 16.33
N ILE A 91 -4.38 -12.96 17.63
CA ILE A 91 -3.46 -13.68 18.48
C ILE A 91 -3.97 -15.10 18.69
N TYR A 92 -5.27 -15.26 18.87
CA TYR A 92 -5.94 -16.48 19.21
C TYR A 92 -6.87 -17.08 18.19
N SER A 93 -7.16 -16.41 17.08
CA SER A 93 -8.12 -16.95 16.12
C SER A 93 -7.68 -18.33 15.66
N PRO A 94 -8.61 -19.07 15.09
CA PRO A 94 -8.38 -20.42 14.62
C PRO A 94 -7.41 -20.53 13.47
N THR A 95 -7.09 -19.45 12.77
CA THR A 95 -6.14 -19.53 11.69
C THR A 95 -4.73 -19.19 12.13
N ARG A 96 -4.50 -19.17 13.43
CA ARG A 96 -3.21 -18.95 14.03
C ARG A 96 -2.34 -20.19 13.81
N ILE A 97 -1.12 -20.00 13.35
CA ILE A 97 -0.23 -21.11 13.07
C ILE A 97 0.51 -21.58 14.32
N LYS A 98 0.36 -22.84 14.64
CA LYS A 98 0.96 -23.41 15.83
C LYS A 98 2.36 -23.98 15.69
N TYR A 99 2.58 -24.92 14.80
CA TYR A 99 3.81 -25.65 14.62
C TYR A 99 4.45 -25.45 13.26
N PRO A 100 5.75 -25.74 13.17
CA PRO A 100 6.49 -25.73 11.93
C PRO A 100 5.90 -26.82 11.04
N MET A 101 5.56 -26.46 9.81
CA MET A 101 4.95 -27.41 8.90
C MET A 101 5.77 -27.47 7.60
N VAL A 102 5.89 -28.67 7.07
CA VAL A 102 6.58 -28.90 5.82
C VAL A 102 5.59 -29.58 4.85
N ARG A 103 5.52 -29.06 3.64
CA ARG A 103 4.66 -29.63 2.61
C ARG A 103 5.03 -31.09 2.34
N ARG A 104 4.06 -31.98 2.49
CA ARG A 104 4.23 -33.42 2.35
C ARG A 104 4.99 -33.79 1.09
N GLU A 105 4.55 -33.22 0.00
CA GLU A 105 5.12 -33.30 -1.32
C GLU A 105 6.60 -32.92 -1.35
N PHE A 106 6.99 -31.84 -0.68
CA PHE A 106 8.38 -31.39 -0.61
C PHE A 106 9.27 -32.24 0.29
N LEU A 107 8.70 -32.77 1.38
CA LEU A 107 9.43 -33.65 2.26
C LEU A 107 9.95 -34.88 1.51
N GLU A 108 9.06 -35.56 0.78
CA GLU A 108 9.51 -36.79 0.15
C GLU A 108 10.25 -36.63 -1.17
N LYS A 109 9.94 -35.64 -1.99
CA LYS A 109 10.57 -35.56 -3.31
C LYS A 109 11.41 -34.33 -3.61
N GLY A 110 11.52 -33.39 -2.67
CA GLY A 110 12.29 -32.19 -2.83
C GLY A 110 12.11 -31.40 -4.11
N VAL A 111 13.21 -31.18 -4.84
CA VAL A 111 13.12 -30.43 -6.09
C VAL A 111 12.38 -31.20 -7.14
N ASN A 112 12.13 -32.49 -6.99
CA ASN A 112 11.39 -33.31 -7.91
C ASN A 112 9.92 -33.45 -7.52
N ALA A 113 9.44 -32.61 -6.60
CA ALA A 113 8.06 -32.67 -6.18
C ALA A 113 7.07 -32.10 -7.19
N ASP A 114 5.80 -32.52 -7.16
CA ASP A 114 4.81 -31.91 -8.06
C ASP A 114 4.48 -30.53 -7.49
N ARG A 115 4.79 -29.47 -8.22
CA ARG A 115 4.56 -28.12 -7.69
C ARG A 115 3.17 -27.59 -7.88
N SER A 116 2.30 -28.36 -8.52
CA SER A 116 0.93 -27.97 -8.76
C SER A 116 0.02 -28.20 -7.56
N THR A 117 0.40 -29.00 -6.58
CA THR A 117 -0.48 -29.21 -5.45
C THR A 117 -0.23 -28.22 -4.32
N ARG A 118 0.75 -27.32 -4.45
CA ARG A 118 0.94 -26.28 -3.46
C ARG A 118 -0.38 -25.62 -3.15
N GLY A 119 -0.72 -25.38 -1.90
CA GLY A 119 -1.95 -24.71 -1.52
C GLY A 119 -3.08 -25.62 -1.10
N ASN A 120 -2.91 -26.93 -1.32
CA ASN A 120 -3.90 -27.94 -1.05
C ASN A 120 -3.99 -28.38 0.40
N GLY A 121 -3.09 -27.96 1.28
CA GLY A 121 -3.23 -28.30 2.68
C GLY A 121 -2.60 -29.58 3.15
N ASP A 122 -1.90 -30.34 2.31
CA ASP A 122 -1.24 -31.56 2.75
C ASP A 122 0.12 -31.32 3.42
N PHE A 123 0.09 -30.93 4.69
CA PHE A 123 1.28 -30.62 5.43
C PHE A 123 1.71 -31.62 6.49
N VAL A 124 3.00 -31.77 6.66
CA VAL A 124 3.55 -32.63 7.71
C VAL A 124 4.18 -31.82 8.84
N ARG A 125 3.74 -32.06 10.07
CA ARG A 125 4.30 -31.38 11.23
C ARG A 125 5.71 -31.92 11.49
N VAL A 126 6.63 -31.00 11.77
CA VAL A 126 8.03 -31.37 12.00
C VAL A 126 8.56 -30.69 13.25
N SER A 127 9.67 -31.15 13.81
CA SER A 127 10.19 -30.41 14.98
C SER A 127 10.86 -29.15 14.47
N TRP A 128 11.06 -28.16 15.33
CA TRP A 128 11.73 -26.93 14.96
C TRP A 128 13.15 -27.19 14.44
N ASP A 129 13.84 -28.12 15.08
CA ASP A 129 15.19 -28.49 14.73
C ASP A 129 15.25 -29.03 13.32
N GLN A 130 14.30 -29.87 12.97
CA GLN A 130 14.25 -30.37 11.60
C GLN A 130 14.04 -29.20 10.64
N ALA A 131 12.99 -28.42 10.83
CA ALA A 131 12.67 -27.30 9.96
C ALA A 131 13.82 -26.33 9.74
N LEU A 132 14.54 -25.96 10.79
CA LEU A 132 15.65 -25.03 10.70
C LEU A 132 16.78 -25.64 9.90
N ASP A 133 17.08 -26.92 10.10
CA ASP A 133 18.06 -27.63 9.32
C ASP A 133 17.72 -27.60 7.83
N LEU A 134 16.45 -27.85 7.53
CA LEU A 134 15.95 -27.81 6.17
C LEU A 134 16.09 -26.44 5.53
N VAL A 135 15.60 -25.40 6.17
CA VAL A 135 15.69 -24.06 5.61
C VAL A 135 17.10 -23.60 5.31
N ALA A 136 18.05 -23.80 6.20
CA ALA A 136 19.44 -23.46 6.01
C ALA A 136 20.10 -24.30 4.92
N ALA A 137 19.86 -25.60 4.92
CA ALA A 137 20.38 -26.47 3.88
C ALA A 137 19.92 -25.97 2.51
N GLU A 138 18.62 -25.74 2.38
CA GLU A 138 18.03 -25.27 1.14
C GLU A 138 18.54 -23.89 0.76
N VAL A 139 18.66 -22.96 1.71
CA VAL A 139 19.23 -21.66 1.37
C VAL A 139 20.64 -21.83 0.81
N LYS A 140 21.50 -22.59 1.49
CA LYS A 140 22.87 -22.80 1.04
C LYS A 140 23.00 -23.53 -0.28
N ARG A 141 22.08 -24.46 -0.54
CA ARG A 141 22.04 -25.20 -1.78
C ARG A 141 21.79 -24.30 -2.98
N VAL A 142 20.87 -23.36 -2.85
CA VAL A 142 20.52 -22.45 -3.93
C VAL A 142 21.61 -21.40 -4.09
N GLU A 143 22.28 -21.06 -2.99
CA GLU A 143 23.37 -20.09 -3.11
C GLU A 143 24.56 -20.74 -3.77
N GLU A 144 24.91 -21.98 -3.49
CA GLU A 144 26.03 -22.63 -4.16
C GLU A 144 25.75 -22.98 -5.63
N THR A 145 24.56 -23.48 -5.93
CA THR A 145 24.21 -23.85 -7.27
C THR A 145 23.82 -22.70 -8.17
N TYR A 146 22.96 -21.82 -7.68
CA TYR A 146 22.50 -20.73 -8.53
C TYR A 146 23.12 -19.39 -8.27
N GLY A 147 23.68 -19.13 -7.12
CA GLY A 147 24.26 -17.84 -6.79
C GLY A 147 23.25 -16.96 -6.09
N PRO A 148 23.63 -15.70 -5.90
CA PRO A 148 22.75 -14.73 -5.24
C PRO A 148 21.55 -14.44 -6.11
N GLU A 149 21.72 -14.53 -7.42
CA GLU A 149 20.62 -14.33 -8.36
C GLU A 149 19.51 -15.36 -8.24
N GLY A 150 19.72 -16.50 -7.58
CA GLY A 150 18.72 -17.51 -7.45
C GLY A 150 17.79 -17.35 -6.26
N VAL A 151 18.07 -16.42 -5.38
CA VAL A 151 17.25 -16.20 -4.21
C VAL A 151 16.46 -14.92 -4.29
N PHE A 152 15.13 -14.98 -4.23
CA PHE A 152 14.37 -13.74 -4.25
C PHE A 152 13.98 -13.37 -2.81
N GLY A 153 14.52 -12.26 -2.35
CA GLY A 153 14.30 -11.82 -0.99
C GLY A 153 13.71 -10.43 -0.86
N GLY A 154 12.90 -10.01 -1.82
CA GLY A 154 12.25 -8.72 -1.73
C GLY A 154 11.27 -8.79 -0.55
N SER A 155 10.57 -9.91 -0.41
CA SER A 155 9.63 -10.15 0.67
C SER A 155 8.79 -8.91 0.92
N TYR A 156 7.99 -8.55 -0.06
CA TYR A 156 7.20 -7.34 0.13
C TYR A 156 6.07 -7.50 1.13
N GLY A 157 5.90 -6.50 1.99
CA GLY A 157 4.80 -6.63 2.95
C GLY A 157 4.78 -5.58 4.03
N TRP A 158 3.59 -5.42 4.61
CA TRP A 158 3.32 -4.45 5.64
C TRP A 158 3.73 -4.91 7.02
N LYS A 159 4.15 -6.15 7.18
CA LYS A 159 4.66 -6.68 8.44
C LYS A 159 4.03 -6.06 9.67
N SER A 160 4.81 -5.65 10.65
CA SER A 160 4.38 -5.04 11.89
C SER A 160 5.39 -3.98 12.31
N PRO A 161 5.00 -2.92 12.99
CA PRO A 161 5.90 -1.87 13.41
C PRO A 161 6.93 -2.39 14.41
N GLY A 162 8.03 -1.68 14.61
CA GLY A 162 9.07 -2.15 15.52
C GLY A 162 10.45 -2.06 14.89
N ARG A 163 11.40 -1.37 15.56
CA ARG A 163 12.75 -1.25 15.06
C ARG A 163 13.60 -2.49 15.30
N LEU A 164 13.21 -3.36 16.21
CA LEU A 164 14.01 -4.55 16.41
C LEU A 164 13.39 -5.65 15.56
N HIS A 165 12.12 -5.92 15.81
CA HIS A 165 11.44 -7.01 15.11
C HIS A 165 10.91 -6.68 13.73
N ASN A 166 11.77 -6.19 12.85
CA ASN A 166 11.48 -5.83 11.48
C ASN A 166 11.83 -7.06 10.64
N CYS A 167 10.84 -7.90 10.36
CA CYS A 167 11.07 -9.18 9.74
C CYS A 167 11.75 -9.11 8.39
N THR A 168 11.28 -8.19 7.55
CA THR A 168 11.78 -8.06 6.20
C THR A 168 13.23 -7.62 6.20
N THR A 169 13.59 -6.69 7.10
CA THR A 169 14.97 -6.25 7.20
C THR A 169 15.80 -7.40 7.76
N LEU A 170 15.24 -8.13 8.72
CA LEU A 170 15.89 -9.28 9.33
C LEU A 170 16.17 -10.38 8.32
N LEU A 171 15.29 -10.63 7.36
CA LEU A 171 15.53 -11.64 6.35
C LEU A 171 16.68 -11.25 5.43
N ARG A 172 16.78 -9.98 5.10
CA ARG A 172 17.86 -9.54 4.22
C ARG A 172 19.20 -9.59 4.92
N ARG A 173 19.14 -9.44 6.23
CA ARG A 173 20.29 -9.52 7.09
C ARG A 173 20.84 -10.93 7.01
N MET A 174 20.04 -11.95 7.22
CA MET A 174 20.48 -13.33 7.07
C MET A 174 20.87 -13.62 5.63
N LEU A 175 20.07 -13.25 4.62
CA LEU A 175 20.39 -13.49 3.24
C LEU A 175 21.71 -12.83 2.86
N THR A 176 22.07 -11.68 3.44
CA THR A 176 23.35 -11.06 3.15
C THR A 176 24.48 -11.99 3.59
N LEU A 177 24.30 -12.67 4.71
CA LEU A 177 25.27 -13.61 5.20
C LEU A 177 25.38 -14.88 4.39
N ALA A 178 24.30 -15.27 3.72
CA ALA A 178 24.23 -16.48 2.93
C ALA A 178 24.80 -16.33 1.54
N GLY A 179 25.22 -15.14 1.13
CA GLY A 179 25.78 -14.98 -0.18
C GLY A 179 25.11 -13.92 -1.01
N GLY A 180 23.94 -13.43 -0.63
CA GLY A 180 23.26 -12.40 -1.40
C GLY A 180 21.86 -12.77 -1.83
N TYR A 181 21.13 -11.83 -2.41
CA TYR A 181 19.76 -12.06 -2.83
C TYR A 181 19.29 -11.05 -3.86
N VAL A 182 18.13 -11.35 -4.44
CA VAL A 182 17.57 -10.43 -5.41
C VAL A 182 16.51 -9.65 -4.63
N ASN A 183 16.61 -8.34 -4.74
CA ASN A 183 15.73 -7.44 -4.03
C ASN A 183 14.69 -6.78 -4.91
N GLY A 184 13.72 -6.14 -4.26
CA GLY A 184 12.61 -5.49 -4.93
C GLY A 184 12.71 -3.98 -4.84
N ALA A 185 12.17 -3.24 -5.78
CA ALA A 185 12.25 -1.79 -5.70
C ALA A 185 10.88 -1.13 -5.72
N GLY A 186 10.73 0.02 -5.08
CA GLY A 186 9.46 0.72 -5.05
C GLY A 186 8.40 -0.06 -4.27
N ASP A 187 7.13 0.27 -4.50
CA ASP A 187 6.06 -0.41 -3.75
C ASP A 187 4.77 -0.47 -4.56
N TYR A 188 3.75 -1.11 -4.00
CA TYR A 188 2.47 -1.22 -4.65
C TYR A 188 1.55 -0.03 -4.43
N SER A 189 1.85 0.92 -3.53
CA SER A 189 0.99 2.03 -3.28
C SER A 189 1.21 3.24 -4.21
N THR A 190 2.45 3.57 -4.48
CA THR A 190 2.76 4.72 -5.30
C THR A 190 3.73 4.35 -6.42
N GLY A 191 3.63 3.11 -6.88
CA GLY A 191 4.46 2.58 -7.93
C GLY A 191 4.74 3.48 -9.13
N ALA A 192 3.74 4.15 -9.67
CA ALA A 192 3.88 5.07 -10.77
C ALA A 192 4.34 6.45 -10.32
N ALA A 193 3.62 7.03 -9.35
CA ALA A 193 3.87 8.35 -8.83
C ALA A 193 5.24 8.60 -8.27
N GLN A 194 5.84 7.67 -7.55
CA GLN A 194 7.18 7.89 -6.99
C GLN A 194 8.27 7.96 -8.03
N VAL A 195 8.05 7.41 -9.22
CA VAL A 195 9.03 7.47 -10.29
C VAL A 195 8.87 8.71 -11.13
N ILE A 196 7.67 9.17 -11.40
CA ILE A 196 7.43 10.36 -12.22
C ILE A 196 7.57 11.64 -11.43
N MET A 197 7.26 11.65 -10.13
CA MET A 197 7.37 12.89 -9.39
C MET A 197 8.74 13.52 -9.47
N PRO A 198 9.82 12.79 -9.22
CA PRO A 198 11.18 13.31 -9.30
C PRO A 198 11.52 13.93 -10.63
N HIS A 199 10.89 13.54 -11.73
CA HIS A 199 11.12 14.16 -13.02
C HIS A 199 10.34 15.48 -13.16
N VAL A 200 9.30 15.66 -12.38
CA VAL A 200 8.45 16.83 -12.45
C VAL A 200 8.74 17.86 -11.37
N VAL A 201 8.61 17.49 -10.10
CA VAL A 201 8.82 18.45 -9.02
C VAL A 201 10.17 18.32 -8.36
N GLY A 202 10.95 17.28 -8.59
CA GLY A 202 12.31 17.25 -8.08
C GLY A 202 12.57 16.20 -7.03
N THR A 203 11.55 15.74 -6.33
CA THR A 203 11.63 14.72 -5.31
C THR A 203 10.44 13.78 -5.46
N LEU A 204 10.43 12.74 -4.66
CA LEU A 204 9.39 11.75 -4.51
C LEU A 204 8.02 12.39 -4.29
N GLU A 205 7.91 13.33 -3.37
CA GLU A 205 6.71 14.07 -3.07
C GLU A 205 5.60 13.32 -2.36
N VAL A 206 5.36 12.05 -2.62
CA VAL A 206 4.30 11.27 -2.05
C VAL A 206 4.53 10.92 -0.58
N TYR A 207 5.78 10.74 -0.21
CA TYR A 207 6.09 10.38 1.17
C TYR A 207 6.83 11.52 1.85
N GLU A 208 6.34 12.73 1.71
CA GLU A 208 6.91 13.95 2.27
C GLU A 208 5.85 14.77 3.00
N GLN A 209 6.24 15.50 4.03
CA GLN A 209 5.35 16.22 4.92
C GLN A 209 4.53 17.25 4.15
N GLN A 210 3.28 17.38 4.52
CA GLN A 210 2.36 18.29 3.86
C GLN A 210 2.24 19.64 4.55
N THR A 211 1.64 20.62 3.89
CA THR A 211 1.35 21.91 4.48
C THR A 211 0.47 21.59 5.69
N ALA A 212 0.82 22.14 6.85
CA ALA A 212 0.13 21.75 8.06
C ALA A 212 -1.37 21.89 8.07
N TRP A 213 -2.04 21.00 8.81
CA TRP A 213 -3.49 21.07 8.94
C TRP A 213 -3.92 22.45 9.40
N PRO A 214 -3.36 22.96 10.49
CA PRO A 214 -3.74 24.26 11.01
C PRO A 214 -3.70 25.33 9.95
N VAL A 215 -2.67 25.39 9.11
CA VAL A 215 -2.56 26.37 8.04
C VAL A 215 -3.74 26.30 7.09
N LEU A 216 -4.16 25.10 6.73
CA LEU A 216 -5.35 24.91 5.94
C LEU A 216 -6.57 25.51 6.61
N ALA A 217 -6.81 25.25 7.88
CA ALA A 217 -7.94 25.80 8.60
C ALA A 217 -8.04 27.30 8.50
N GLU A 218 -6.97 28.06 8.68
CA GLU A 218 -7.08 29.51 8.59
C GLU A 218 -7.10 30.05 7.17
N ASN A 219 -6.55 29.34 6.18
CA ASN A 219 -6.45 29.83 4.83
C ASN A 219 -7.21 29.18 3.69
N THR A 220 -7.43 27.88 3.68
CA THR A 220 -8.11 27.27 2.55
C THR A 220 -9.55 27.65 2.35
N GLU A 221 -9.97 27.91 1.12
CA GLU A 221 -11.36 28.29 0.86
C GLU A 221 -12.10 27.12 0.24
N VAL A 222 -11.38 26.37 -0.60
CA VAL A 222 -11.93 25.17 -1.21
C VAL A 222 -11.01 23.99 -0.98
N MET A 223 -11.50 22.90 -0.41
CA MET A 223 -10.77 21.67 -0.20
C MET A 223 -11.26 20.60 -1.16
N VAL A 224 -10.39 20.09 -2.03
CA VAL A 224 -10.80 19.07 -2.97
C VAL A 224 -10.12 17.74 -2.66
N PHE A 225 -10.93 16.73 -2.36
CA PHE A 225 -10.38 15.40 -2.10
C PHE A 225 -10.50 14.64 -3.41
N TRP A 226 -9.42 14.55 -4.17
CA TRP A 226 -9.44 13.92 -5.48
C TRP A 226 -8.93 12.50 -5.41
N ALA A 227 -9.91 11.58 -5.44
CA ALA A 227 -9.62 10.15 -5.44
C ALA A 227 -8.97 9.72 -4.14
N ALA A 228 -9.54 10.23 -3.05
CA ALA A 228 -9.02 10.02 -1.73
C ALA A 228 -10.17 9.94 -0.73
N ASP A 229 -10.03 9.02 0.20
CA ASP A 229 -10.97 8.80 1.28
C ASP A 229 -10.23 8.83 2.61
N PRO A 230 -9.90 10.03 3.08
CA PRO A 230 -9.10 10.22 4.27
C PRO A 230 -9.72 9.71 5.55
N ILE A 231 -11.03 9.71 5.67
CA ILE A 231 -11.71 9.13 6.81
C ILE A 231 -11.44 7.64 6.93
N LYS A 232 -11.47 6.90 5.84
CA LYS A 232 -11.18 5.50 5.81
C LYS A 232 -9.70 5.14 5.96
N THR A 233 -8.86 5.82 5.19
CA THR A 233 -7.46 5.46 5.09
C THR A 233 -6.56 6.00 6.16
N SER A 234 -7.03 6.92 6.99
CA SER A 234 -6.24 7.49 8.06
C SER A 234 -6.31 6.69 9.34
N GLN A 235 -6.96 5.56 9.42
CA GLN A 235 -6.99 4.70 10.57
C GLN A 235 -5.65 4.07 10.89
N ILE A 236 -4.82 3.80 9.90
CA ILE A 236 -3.59 3.07 10.19
C ILE A 236 -2.35 3.89 9.87
N GLY A 237 -1.22 3.38 10.36
CA GLY A 237 0.06 4.01 10.06
C GLY A 237 1.12 2.98 9.76
N TRP A 238 2.19 3.41 9.09
CA TRP A 238 3.31 2.49 8.81
C TRP A 238 4.01 2.24 10.14
N VAL A 239 4.23 3.30 10.91
CA VAL A 239 4.70 3.21 12.29
C VAL A 239 3.49 3.50 13.18
N ILE A 240 3.56 3.53 14.51
CA ILE A 240 2.34 3.77 15.30
C ILE A 240 1.73 5.09 14.87
N PRO A 241 0.47 5.07 14.48
CA PRO A 241 -0.22 6.23 13.97
C PRO A 241 -0.75 7.13 15.06
N GLU A 242 -0.81 8.43 14.81
CA GLU A 242 -1.33 9.35 15.80
C GLU A 242 -2.76 9.79 15.51
N HIS A 243 -3.25 9.51 14.32
CA HIS A 243 -4.59 9.81 13.87
C HIS A 243 -4.79 11.31 13.75
N GLY A 244 -3.75 11.99 13.29
CA GLY A 244 -3.73 13.43 13.12
C GLY A 244 -4.69 13.98 12.10
N ALA A 245 -5.09 13.24 11.07
CA ALA A 245 -6.05 13.80 10.12
C ALA A 245 -7.41 14.14 10.69
N TYR A 246 -7.92 13.39 11.66
CA TYR A 246 -9.25 13.57 12.21
C TYR A 246 -9.54 14.94 12.76
N PRO A 247 -8.71 15.45 13.65
CA PRO A 247 -8.83 16.82 14.14
C PRO A 247 -8.71 17.79 12.99
N GLY A 248 -7.80 17.60 12.05
CA GLY A 248 -7.64 18.45 10.89
C GLY A 248 -8.93 18.51 10.08
N LEU A 249 -9.49 17.34 9.81
CA LEU A 249 -10.76 17.28 9.10
C LEU A 249 -11.91 17.94 9.83
N GLU A 250 -11.94 17.91 11.16
CA GLU A 250 -13.00 18.53 11.93
C GLU A 250 -12.84 20.04 11.96
N ALA A 251 -11.59 20.48 11.96
CA ALA A 251 -11.35 21.92 11.91
C ALA A 251 -11.89 22.49 10.61
N LEU A 252 -11.77 21.80 9.49
CA LEU A 252 -12.28 22.25 8.22
C LEU A 252 -13.79 22.38 8.25
N LYS A 253 -14.49 21.34 8.72
CA LYS A 253 -15.95 21.38 8.78
C LYS A 253 -16.46 22.47 9.70
N ALA A 254 -15.78 22.66 10.83
CA ALA A 254 -16.23 23.69 11.77
C ALA A 254 -16.07 25.06 11.13
N LYS A 255 -14.99 25.23 10.39
CA LYS A 255 -14.70 26.44 9.66
C LYS A 255 -15.68 26.76 8.55
N GLY A 256 -16.47 25.85 8.02
CA GLY A 256 -17.34 26.16 6.90
C GLY A 256 -16.74 26.11 5.52
N THR A 257 -15.46 25.82 5.38
CA THR A 257 -14.78 25.64 4.12
C THR A 257 -15.58 24.74 3.19
N LYS A 258 -15.56 25.05 1.90
CA LYS A 258 -16.24 24.19 0.93
C LYS A 258 -15.33 23.03 0.55
N VAL A 259 -15.89 21.83 0.63
CA VAL A 259 -15.21 20.59 0.31
C VAL A 259 -15.83 19.89 -0.88
N ILE A 260 -14.99 19.57 -1.86
CA ILE A 260 -15.46 18.86 -3.05
C ILE A 260 -14.81 17.48 -3.13
N VAL A 261 -15.59 16.42 -3.24
CA VAL A 261 -15.02 15.07 -3.34
C VAL A 261 -15.21 14.50 -4.74
N ILE A 262 -14.13 14.12 -5.39
CA ILE A 262 -14.17 13.57 -6.74
C ILE A 262 -13.81 12.09 -6.68
N ASP A 263 -14.85 11.26 -6.66
CA ASP A 263 -14.69 9.82 -6.51
C ASP A 263 -15.94 9.08 -6.95
N PRO A 264 -15.79 7.89 -7.49
CA PRO A 264 -16.91 7.06 -7.89
C PRO A 264 -17.78 6.53 -6.77
N VAL A 265 -17.28 6.47 -5.55
CA VAL A 265 -18.00 5.93 -4.41
C VAL A 265 -18.45 7.05 -3.48
N ARG A 266 -19.63 6.87 -2.87
CA ARG A 266 -20.13 7.81 -1.90
C ARG A 266 -19.52 7.42 -0.56
N THR A 267 -18.31 7.89 -0.30
CA THR A 267 -17.58 7.51 0.90
C THR A 267 -18.02 8.25 2.14
N LYS A 268 -17.36 7.95 3.24
CA LYS A 268 -17.56 8.54 4.54
C LYS A 268 -17.00 9.95 4.50
N THR A 269 -15.95 10.18 3.72
CA THR A 269 -15.41 11.51 3.52
C THR A 269 -16.48 12.44 2.95
N VAL A 270 -17.25 11.96 1.99
CA VAL A 270 -18.33 12.69 1.38
C VAL A 270 -19.40 12.94 2.44
N GLU A 271 -19.74 11.91 3.22
CA GLU A 271 -20.78 12.03 4.22
C GLU A 271 -20.39 12.96 5.35
N PHE A 272 -19.15 12.91 5.80
CA PHE A 272 -18.76 13.72 6.93
C PHE A 272 -18.93 15.20 6.61
N PHE A 273 -18.60 15.57 5.38
CA PHE A 273 -18.69 16.96 4.97
C PHE A 273 -20.01 17.34 4.32
N GLY A 274 -20.75 16.32 3.83
CA GLY A 274 -21.97 16.54 3.06
C GLY A 274 -21.47 17.31 1.85
N ALA A 275 -20.37 16.85 1.28
CA ALA A 275 -19.70 17.52 0.20
C ALA A 275 -20.37 17.41 -1.15
N GLU A 276 -19.84 18.22 -2.05
CA GLU A 276 -20.26 18.16 -3.46
C GLU A 276 -19.48 16.94 -3.97
N HIS A 277 -20.18 16.02 -4.58
CA HIS A 277 -19.64 14.75 -5.00
C HIS A 277 -19.61 14.60 -6.50
N ILE A 278 -18.41 14.63 -7.08
CA ILE A 278 -18.29 14.40 -8.52
C ILE A 278 -18.02 12.92 -8.71
N THR A 279 -18.76 12.25 -9.58
CA THR A 279 -18.52 10.83 -9.82
C THR A 279 -18.06 10.57 -11.24
N PRO A 280 -16.76 10.51 -11.46
CA PRO A 280 -16.22 10.24 -12.78
C PRO A 280 -16.23 8.75 -13.08
N LYS A 281 -16.23 8.38 -14.35
CA LYS A 281 -16.09 6.97 -14.66
C LYS A 281 -14.64 6.61 -14.31
N PRO A 282 -14.45 5.61 -13.48
CA PRO A 282 -13.12 5.26 -13.02
C PRO A 282 -12.20 5.22 -14.22
N GLN A 283 -11.04 5.84 -14.08
CA GLN A 283 -9.96 5.88 -15.02
C GLN A 283 -10.01 7.06 -15.97
N THR A 284 -10.92 8.00 -15.75
CA THR A 284 -11.05 9.14 -16.66
C THR A 284 -10.67 10.46 -16.06
N ASP A 285 -10.04 10.50 -14.90
CA ASP A 285 -9.62 11.75 -14.27
C ASP A 285 -8.68 12.62 -15.08
N VAL A 286 -7.74 12.05 -15.82
CA VAL A 286 -6.83 12.84 -16.64
C VAL A 286 -7.61 13.61 -17.68
N ALA A 287 -8.58 13.01 -18.36
CA ALA A 287 -9.41 13.73 -19.32
C ALA A 287 -10.06 14.94 -18.66
N ILE A 288 -10.69 14.74 -17.50
CA ILE A 288 -11.30 15.82 -16.75
C ILE A 288 -10.31 16.94 -16.45
N MET A 289 -9.10 16.62 -15.97
CA MET A 289 -8.08 17.62 -15.70
C MET A 289 -7.71 18.40 -16.96
N LEU A 290 -7.68 17.72 -18.11
CA LEU A 290 -7.38 18.34 -19.39
C LEU A 290 -8.51 19.30 -19.72
N GLY A 291 -9.74 18.82 -19.61
CA GLY A 291 -10.90 19.67 -19.86
C GLY A 291 -10.84 20.95 -19.05
N MET A 292 -10.56 20.85 -17.76
CA MET A 292 -10.42 21.99 -16.88
C MET A 292 -9.28 22.88 -17.31
N ALA A 293 -8.16 22.35 -17.79
CA ALA A 293 -7.08 23.19 -18.30
C ALA A 293 -7.52 23.93 -19.56
N HIS A 294 -8.21 23.24 -20.46
CA HIS A 294 -8.75 23.87 -21.67
C HIS A 294 -9.60 25.07 -21.28
N THR A 295 -10.65 24.93 -20.47
CA THR A 295 -11.45 26.08 -20.08
C THR A 295 -10.60 27.27 -19.65
N LEU A 296 -9.65 26.98 -18.75
CA LEU A 296 -8.75 27.98 -18.20
C LEU A 296 -7.97 28.71 -19.28
N VAL A 297 -7.55 28.00 -20.32
CA VAL A 297 -6.90 28.69 -21.44
C VAL A 297 -7.96 29.37 -22.30
N ALA A 298 -9.05 28.67 -22.55
CA ALA A 298 -10.15 29.17 -23.36
C ALA A 298 -10.70 30.48 -22.84
N GLU A 299 -10.96 30.59 -21.55
CA GLU A 299 -11.47 31.83 -21.00
C GLU A 299 -10.38 32.74 -20.49
N ASP A 300 -9.12 32.44 -20.80
CA ASP A 300 -7.98 33.21 -20.34
C ASP A 300 -7.96 33.51 -18.84
N LEU A 301 -8.03 32.50 -17.97
CA LEU A 301 -8.03 32.75 -16.55
C LEU A 301 -6.76 32.27 -15.87
N TYR A 302 -6.13 31.26 -16.44
CA TYR A 302 -4.93 30.70 -15.82
C TYR A 302 -3.92 31.77 -15.46
N ASP A 303 -2.99 31.42 -14.58
CA ASP A 303 -1.99 32.33 -14.10
C ASP A 303 -0.73 32.31 -14.96
N LYS A 304 -0.64 33.29 -15.84
CA LYS A 304 0.48 33.39 -16.76
C LYS A 304 1.78 33.69 -16.05
N ASP A 305 1.76 34.55 -15.03
CA ASP A 305 2.98 34.86 -14.31
C ASP A 305 3.50 33.60 -13.65
N PHE A 306 2.66 32.83 -12.96
CA PHE A 306 3.10 31.59 -12.34
C PHE A 306 3.75 30.64 -13.35
N ILE A 307 3.04 30.35 -14.43
CA ILE A 307 3.55 29.53 -15.49
C ILE A 307 4.92 30.03 -15.94
N ALA A 308 5.07 31.30 -16.26
CA ALA A 308 6.30 31.89 -16.72
C ALA A 308 7.51 31.79 -15.81
N ASN A 309 7.37 32.03 -14.51
CA ASN A 309 8.55 32.09 -13.66
C ASN A 309 8.82 30.85 -12.86
N TYR A 310 7.88 29.92 -12.78
CA TYR A 310 8.02 28.75 -11.94
C TYR A 310 7.94 27.42 -12.68
N THR A 311 7.50 27.37 -13.92
CA THR A 311 7.38 26.11 -14.64
C THR A 311 8.28 26.13 -15.87
N SER A 312 8.33 25.00 -16.56
CA SER A 312 9.06 24.89 -17.81
C SER A 312 8.40 23.94 -18.81
N GLY A 313 8.38 24.35 -20.09
CA GLY A 313 7.81 23.51 -21.13
C GLY A 313 6.34 23.65 -21.41
N PHE A 314 5.66 24.56 -20.75
CA PHE A 314 4.24 24.79 -20.94
C PHE A 314 3.90 25.01 -22.40
N ASP A 315 4.60 25.86 -23.13
CA ASP A 315 4.39 26.11 -24.54
C ASP A 315 4.54 24.87 -25.40
N LYS A 316 5.12 23.77 -24.93
CA LYS A 316 5.18 22.53 -25.70
C LYS A 316 3.94 21.69 -25.39
N PHE A 317 3.19 22.04 -24.36
CA PHE A 317 2.00 21.33 -23.94
C PHE A 317 0.74 21.98 -24.49
N LEU A 318 0.79 23.29 -24.69
CA LEU A 318 -0.34 24.06 -25.20
C LEU A 318 -0.92 23.53 -26.49
N PRO A 319 -0.06 23.30 -27.49
CA PRO A 319 -0.49 22.73 -28.74
C PRO A 319 -1.30 21.46 -28.54
N TYR A 320 -0.83 20.58 -27.65
CA TYR A 320 -1.52 19.33 -27.40
C TYR A 320 -2.94 19.60 -26.92
N LEU A 321 -3.01 20.39 -25.86
CA LEU A 321 -4.25 20.79 -25.22
C LEU A 321 -5.23 21.43 -26.18
N ASP A 322 -4.77 22.38 -27.00
CA ASP A 322 -5.61 23.01 -27.99
C ASP A 322 -6.03 22.13 -29.17
N GLY A 323 -5.47 20.94 -29.37
CA GLY A 323 -5.89 20.08 -30.44
C GLY A 323 -5.09 20.29 -31.72
N GLU A 324 -4.06 21.13 -31.65
CA GLU A 324 -3.19 21.39 -32.76
C GLU A 324 -2.28 20.25 -33.18
N THR A 325 -2.13 19.16 -32.47
CA THR A 325 -1.20 18.11 -32.87
C THR A 325 -1.96 16.87 -33.32
N ASP A 326 -3.22 16.75 -32.90
CA ASP A 326 -4.01 15.57 -33.17
C ASP A 326 -5.41 15.90 -33.60
N SER A 327 -5.73 17.18 -33.78
CA SER A 327 -7.08 17.51 -34.23
C SER A 327 -8.15 17.26 -33.19
N THR A 328 -7.81 17.18 -31.90
CA THR A 328 -8.80 16.92 -30.87
C THR A 328 -8.67 17.88 -29.71
N PRO A 329 -9.24 19.06 -29.84
CA PRO A 329 -9.18 20.05 -28.76
C PRO A 329 -9.72 19.43 -27.49
N LYS A 330 -8.91 19.41 -26.44
CA LYS A 330 -9.29 18.78 -25.18
C LYS A 330 -10.29 19.57 -24.37
N THR A 331 -11.47 19.84 -24.91
CA THR A 331 -12.51 20.59 -24.26
C THR A 331 -13.25 19.82 -23.18
N ALA A 332 -14.13 20.54 -22.48
CA ALA A 332 -14.98 20.05 -21.42
C ALA A 332 -16.00 19.10 -22.05
N GLU A 333 -16.44 19.52 -23.22
CA GLU A 333 -17.37 18.75 -24.04
C GLU A 333 -16.72 17.41 -24.40
N TRP A 334 -15.46 17.44 -24.84
CA TRP A 334 -14.72 16.23 -25.15
C TRP A 334 -14.55 15.38 -23.90
N ALA A 335 -14.14 15.95 -22.78
CA ALA A 335 -13.95 15.26 -21.53
C ALA A 335 -15.24 14.65 -20.99
N GLU A 336 -16.35 15.33 -21.23
CA GLU A 336 -17.65 14.80 -20.82
C GLU A 336 -17.93 13.47 -21.51
N GLY A 337 -17.60 13.42 -22.80
CA GLY A 337 -17.80 12.24 -23.62
C GLY A 337 -17.04 11.08 -23.06
N ILE A 338 -15.85 11.33 -22.52
CA ILE A 338 -15.06 10.26 -21.93
C ILE A 338 -15.36 10.02 -20.46
N SER A 339 -15.48 11.06 -19.64
CA SER A 339 -15.72 10.84 -18.23
C SER A 339 -17.16 10.57 -17.86
N GLY A 340 -18.11 11.16 -18.58
CA GLY A 340 -19.51 11.08 -18.23
C GLY A 340 -19.89 12.23 -17.28
N VAL A 341 -18.95 13.10 -16.93
CA VAL A 341 -19.22 14.22 -16.06
C VAL A 341 -19.64 15.42 -16.89
N PRO A 342 -20.82 15.96 -16.63
CA PRO A 342 -21.36 17.09 -17.36
C PRO A 342 -20.40 18.19 -17.72
N ALA A 343 -20.27 18.58 -18.98
CA ALA A 343 -19.34 19.62 -19.38
C ALA A 343 -19.34 20.91 -18.56
N GLU A 344 -20.51 21.43 -18.22
CA GLU A 344 -20.67 22.64 -17.44
C GLU A 344 -20.17 22.47 -16.01
N THR A 345 -20.28 21.27 -15.46
CA THR A 345 -19.74 21.04 -14.13
C THR A 345 -18.23 21.23 -14.22
N ILE A 346 -17.59 20.57 -15.18
CA ILE A 346 -16.17 20.73 -15.42
C ILE A 346 -15.76 22.18 -15.58
N LYS A 347 -16.42 22.99 -16.37
CA LYS A 347 -16.11 24.41 -16.52
C LYS A 347 -16.28 25.18 -15.23
N GLU A 348 -17.29 24.88 -14.44
CA GLU A 348 -17.55 25.49 -13.16
C GLU A 348 -16.55 25.11 -12.09
N LEU A 349 -16.10 23.85 -12.08
CA LEU A 349 -15.07 23.46 -11.11
C LEU A 349 -13.82 24.26 -11.44
N ALA A 350 -13.41 24.32 -12.70
CA ALA A 350 -12.20 25.08 -13.06
C ALA A 350 -12.30 26.53 -12.65
N ARG A 351 -13.41 27.22 -12.88
CA ARG A 351 -13.49 28.63 -12.50
C ARG A 351 -13.43 28.80 -10.98
N LEU A 352 -14.16 27.96 -10.25
CA LEU A 352 -14.19 28.02 -8.80
C LEU A 352 -12.80 27.79 -8.20
N PHE A 353 -12.01 26.92 -8.78
CA PHE A 353 -10.66 26.65 -8.31
C PHE A 353 -9.70 27.78 -8.60
N GLU A 354 -9.94 28.57 -9.64
CA GLU A 354 -9.00 29.64 -9.96
C GLU A 354 -9.30 30.88 -9.14
N SER A 355 -10.52 31.09 -8.67
CA SER A 355 -10.82 32.30 -7.91
C SER A 355 -10.92 32.14 -6.41
N LYS A 356 -10.62 31.00 -5.83
CA LYS A 356 -10.62 30.76 -4.40
C LYS A 356 -9.32 30.09 -3.99
N ARG A 357 -8.90 30.22 -2.74
CA ARG A 357 -7.67 29.57 -2.28
C ARG A 357 -7.94 28.07 -2.22
N THR A 358 -7.43 27.33 -3.18
CA THR A 358 -7.78 25.92 -3.30
C THR A 358 -6.66 24.94 -2.98
N MET A 359 -7.06 23.79 -2.40
CA MET A 359 -6.08 22.77 -2.09
C MET A 359 -6.57 21.48 -2.76
N LEU A 360 -5.76 20.92 -3.63
CA LEU A 360 -6.12 19.67 -4.28
C LEU A 360 -5.40 18.54 -3.58
N ALA A 361 -6.09 17.79 -2.75
CA ALA A 361 -5.47 16.65 -2.05
C ALA A 361 -5.90 15.38 -2.79
N ALA A 362 -4.97 14.76 -3.49
CA ALA A 362 -5.27 13.62 -4.30
C ALA A 362 -4.77 12.31 -3.73
N GLY A 363 -5.61 11.30 -3.89
CA GLY A 363 -5.27 9.96 -3.44
C GLY A 363 -4.34 9.28 -4.44
N TRP A 364 -4.13 7.99 -4.23
CA TRP A 364 -3.19 7.19 -5.00
C TRP A 364 -3.85 6.11 -5.83
N SER A 365 -5.16 5.94 -5.70
CA SER A 365 -5.84 4.87 -6.42
C SER A 365 -5.79 5.09 -7.91
N MET A 366 -5.92 6.34 -8.33
CA MET A 366 -5.88 6.68 -9.76
C MET A 366 -4.53 6.54 -10.43
N GLN A 367 -3.48 6.20 -9.71
CA GLN A 367 -2.17 5.92 -10.28
C GLN A 367 -1.92 4.44 -10.13
N ARG A 368 -2.87 3.67 -9.59
CA ARG A 368 -2.69 2.20 -9.48
C ARG A 368 -3.46 1.56 -10.65
N MET A 369 -3.24 2.19 -11.80
CA MET A 369 -3.89 1.96 -13.06
C MET A 369 -2.93 2.04 -14.22
N HIS A 370 -3.33 1.54 -15.37
CA HIS A 370 -2.55 1.65 -16.60
C HIS A 370 -2.28 3.12 -16.90
N HIS A 371 -1.05 3.42 -17.27
CA HIS A 371 -0.57 4.78 -17.48
C HIS A 371 -0.70 5.65 -16.24
N GLY A 372 -0.48 5.11 -15.04
CA GLY A 372 -0.62 5.75 -13.78
C GLY A 372 0.12 7.06 -13.66
N GLU A 373 1.32 7.16 -14.21
CA GLU A 373 2.16 8.33 -14.25
C GLU A 373 1.44 9.59 -14.70
N GLN A 374 0.47 9.55 -15.60
CA GLN A 374 -0.17 10.78 -16.02
C GLN A 374 -1.08 11.38 -14.99
N ALA A 375 -1.66 10.63 -14.08
CA ALA A 375 -2.61 11.18 -13.11
C ALA A 375 -2.08 12.33 -12.29
N HIS A 376 -1.02 12.13 -11.50
CA HIS A 376 -0.43 13.17 -10.68
C HIS A 376 0.40 14.10 -11.54
N TRP A 377 0.93 13.59 -12.65
CA TRP A 377 1.62 14.50 -13.57
C TRP A 377 0.65 15.58 -14.05
N MET A 378 -0.56 15.22 -14.46
CA MET A 378 -1.53 16.23 -14.92
C MET A 378 -2.04 17.11 -13.79
N LEU A 379 -2.15 16.58 -12.57
CA LEU A 379 -2.59 17.34 -11.40
C LEU A 379 -1.60 18.42 -10.96
N VAL A 380 -0.31 18.17 -11.15
CA VAL A 380 0.71 19.19 -10.84
C VAL A 380 0.60 20.27 -11.92
N THR A 381 0.43 19.81 -13.16
CA THR A 381 0.25 20.70 -14.30
C THR A 381 -0.99 21.58 -14.09
N LEU A 382 -2.10 20.94 -13.70
CA LEU A 382 -3.31 21.73 -13.42
C LEU A 382 -3.08 22.60 -12.19
N ALA A 383 -2.42 22.12 -11.15
CA ALA A 383 -2.16 22.96 -9.99
C ALA A 383 -1.28 24.15 -10.39
N SER A 384 -0.28 23.91 -11.24
CA SER A 384 0.57 24.97 -11.75
C SER A 384 -0.19 26.08 -12.47
N MET A 385 -1.19 25.72 -13.26
CA MET A 385 -2.02 26.68 -13.97
C MET A 385 -2.82 27.58 -13.04
N LEU A 386 -3.25 27.06 -11.88
CA LEU A 386 -3.98 27.89 -10.93
C LEU A 386 -3.05 28.83 -10.20
N GLY A 387 -1.75 28.63 -10.07
CA GLY A 387 -0.86 29.56 -9.42
C GLY A 387 -0.79 29.67 -7.93
N GLN A 388 -1.36 28.76 -7.17
CA GLN A 388 -1.36 28.77 -5.74
C GLN A 388 -0.27 27.96 -5.08
N ILE A 389 0.60 27.31 -5.84
CA ILE A 389 1.64 26.52 -5.21
C ILE A 389 2.49 27.41 -4.31
N GLY A 390 2.74 26.93 -3.10
CA GLY A 390 3.55 27.64 -2.15
C GLY A 390 2.83 28.71 -1.35
N LEU A 391 1.53 28.86 -1.53
CA LEU A 391 0.76 29.83 -0.78
C LEU A 391 0.08 29.07 0.35
N PRO A 392 0.01 29.64 1.53
CA PRO A 392 -0.60 28.99 2.67
C PRO A 392 -2.02 28.61 2.31
N GLY A 393 -2.33 27.32 2.38
CA GLY A 393 -3.64 26.82 2.06
C GLY A 393 -3.83 26.46 0.59
N GLY A 394 -2.94 26.81 -0.33
CA GLY A 394 -3.16 26.45 -1.72
C GLY A 394 -2.17 25.42 -2.23
N GLY A 395 -2.13 25.04 -3.49
CA GLY A 395 -1.21 24.09 -4.04
C GLY A 395 -1.88 22.74 -4.21
N PHE A 396 -1.17 21.68 -3.88
CA PHE A 396 -1.66 20.31 -3.94
C PHE A 396 -0.97 19.46 -2.88
N GLY A 397 -1.52 18.33 -2.51
CA GLY A 397 -0.87 17.48 -1.52
C GLY A 397 -1.09 16.02 -1.91
N LEU A 398 -0.07 15.19 -1.78
CA LEU A 398 -0.26 13.80 -2.16
C LEU A 398 -0.26 12.89 -0.94
N SER A 399 -0.23 13.43 0.28
CA SER A 399 -0.26 12.53 1.42
C SER A 399 -1.22 12.92 2.52
N TYR A 400 -2.28 13.68 2.27
CA TYR A 400 -3.23 14.04 3.31
C TYR A 400 -4.11 12.89 3.73
N HIS A 401 -4.20 11.80 3.01
CA HIS A 401 -5.01 10.65 3.34
C HIS A 401 -4.17 9.51 3.91
N TYR A 402 -2.86 9.70 3.97
CA TYR A 402 -1.98 8.63 4.40
C TYR A 402 -1.07 8.98 5.56
N SER A 403 -1.10 8.11 6.54
CA SER A 403 -0.31 8.10 7.74
C SER A 403 -0.16 9.41 8.48
N GLY A 404 -1.15 10.28 8.48
CA GLY A 404 -1.14 11.51 9.24
C GLY A 404 -0.42 12.67 8.60
N GLY A 405 -0.25 12.59 7.28
CA GLY A 405 0.43 13.67 6.56
C GLY A 405 -0.31 14.97 6.80
N GLY A 406 0.39 16.00 7.24
CA GLY A 406 -0.24 17.29 7.49
C GLY A 406 -0.28 17.59 8.97
N THR A 407 -0.04 16.56 9.77
CA THR A 407 0.01 16.71 11.23
C THR A 407 1.34 17.31 11.59
N PRO A 408 1.36 18.43 12.27
CA PRO A 408 2.58 19.15 12.60
C PRO A 408 3.71 18.33 13.17
N SER A 409 4.91 18.43 12.60
CA SER A 409 6.02 17.67 13.11
C SER A 409 6.60 18.30 14.38
N THR A 410 7.07 17.42 15.25
CA THR A 410 7.75 17.89 16.44
C THR A 410 9.22 18.11 16.10
N SER A 411 10.03 18.40 17.09
CA SER A 411 11.46 18.61 16.86
C SER A 411 12.28 17.51 17.52
N GLY A 412 11.67 16.35 17.79
CA GLY A 412 12.32 15.24 18.44
C GLY A 412 13.33 14.58 17.53
N PRO A 413 14.24 13.78 18.05
CA PRO A 413 15.24 13.10 17.26
C PRO A 413 14.64 12.00 16.40
N ALA A 414 15.46 11.38 15.55
CA ALA A 414 15.00 10.26 14.75
C ALA A 414 15.39 8.90 15.33
N LEU A 415 14.51 7.91 15.24
CA LEU A 415 14.75 6.59 15.76
C LEU A 415 15.18 5.66 14.64
N ALA A 416 16.11 4.77 14.93
CA ALA A 416 16.64 3.83 13.96
C ALA A 416 16.71 2.45 14.62
N GLY A 417 16.78 1.41 13.82
CA GLY A 417 16.77 0.05 14.32
C GLY A 417 17.70 -0.82 13.51
N ILE A 418 17.53 -2.12 13.67
CA ILE A 418 18.38 -3.09 13.00
C ILE A 418 18.41 -2.88 11.51
N THR A 419 19.59 -3.05 10.93
CA THR A 419 19.83 -2.88 9.51
C THR A 419 20.15 -4.24 8.91
N ASP A 420 20.21 -4.38 7.60
CA ASP A 420 20.48 -5.73 7.07
C ASP A 420 21.93 -5.99 6.81
N GLY A 421 22.85 -5.16 7.27
CA GLY A 421 24.28 -5.40 7.07
C GLY A 421 24.91 -4.62 5.94
N GLY A 422 24.49 -4.82 4.71
CA GLY A 422 24.96 -4.25 3.50
C GLY A 422 25.89 -3.06 3.41
N ALA A 423 25.76 -2.03 4.25
CA ALA A 423 26.61 -0.85 4.18
C ALA A 423 27.95 -1.07 4.87
N ALA A 424 28.21 -2.29 5.30
CA ALA A 424 29.48 -2.60 5.95
C ALA A 424 29.87 -4.03 5.62
N THR A 425 29.50 -4.45 4.41
CA THR A 425 29.88 -5.78 3.95
C THR A 425 30.82 -5.64 2.76
N LYS A 426 30.36 -6.07 1.59
CA LYS A 426 31.13 -6.04 0.36
C LYS A 426 30.49 -7.07 -0.59
N GLY A 435 22.18 -11.57 -13.79
CA GLY A 435 21.13 -10.61 -14.15
C GLY A 435 21.03 -9.41 -13.23
N ALA A 436 19.86 -8.76 -13.18
CA ALA A 436 19.69 -7.60 -12.32
C ALA A 436 19.59 -8.00 -10.87
N SER A 437 20.01 -7.14 -9.94
CA SER A 437 19.90 -7.54 -8.53
C SER A 437 18.67 -6.92 -7.90
N VAL A 438 18.05 -5.97 -8.60
CA VAL A 438 16.84 -5.32 -8.16
C VAL A 438 15.83 -5.26 -9.29
N ILE A 439 14.60 -5.67 -9.02
CA ILE A 439 13.53 -5.60 -9.99
C ILE A 439 12.40 -4.77 -9.39
N PRO A 440 11.64 -4.10 -10.22
CA PRO A 440 10.46 -3.37 -9.76
C PRO A 440 9.49 -4.37 -9.15
N VAL A 441 9.02 -4.13 -7.94
CA VAL A 441 8.21 -5.04 -7.17
C VAL A 441 7.09 -5.75 -7.90
N ALA A 442 6.24 -5.05 -8.60
CA ALA A 442 5.14 -5.67 -9.34
C ALA A 442 5.55 -6.49 -10.55
N ARG A 443 6.79 -6.55 -11.00
CA ARG A 443 7.23 -7.39 -12.08
C ARG A 443 7.78 -8.73 -11.61
N VAL A 444 7.41 -9.20 -10.44
CA VAL A 444 7.89 -10.46 -9.91
C VAL A 444 7.44 -11.68 -10.71
N VAL A 445 6.23 -11.70 -11.23
CA VAL A 445 5.74 -12.85 -11.99
C VAL A 445 6.38 -12.89 -13.36
N ASP A 446 6.55 -11.74 -14.00
CA ASP A 446 7.27 -11.57 -15.24
C ASP A 446 8.70 -12.09 -15.14
N MET A 447 9.36 -11.78 -14.04
CA MET A 447 10.70 -12.28 -13.77
C MET A 447 10.72 -13.80 -13.88
N LEU A 448 9.92 -14.44 -13.04
CA LEU A 448 9.80 -15.89 -13.00
C LEU A 448 9.60 -16.52 -14.36
N GLU A 449 8.67 -15.99 -15.13
CA GLU A 449 8.35 -16.46 -16.47
C GLU A 449 9.37 -16.10 -17.51
N ASN A 450 10.14 -15.01 -17.38
CA ASN A 450 11.12 -14.64 -18.40
C ASN A 450 12.53 -14.46 -17.91
N PRO A 451 13.14 -15.53 -17.42
CA PRO A 451 14.52 -15.48 -16.95
C PRO A 451 15.41 -15.04 -18.10
N GLY A 452 16.20 -13.99 -17.92
CA GLY A 452 17.08 -13.55 -18.97
C GLY A 452 16.52 -12.50 -19.89
N ALA A 453 15.22 -12.25 -19.92
CA ALA A 453 14.67 -11.23 -20.81
C ALA A 453 15.00 -9.83 -20.36
N GLU A 454 14.84 -8.83 -21.22
CA GLU A 454 15.17 -7.46 -20.85
C GLU A 454 13.93 -6.76 -20.34
N PHE A 455 14.09 -5.66 -19.64
CA PHE A 455 12.96 -4.88 -19.15
C PHE A 455 13.39 -3.42 -19.01
N ASP A 456 12.46 -2.50 -19.22
CA ASP A 456 12.72 -1.09 -19.10
C ASP A 456 12.26 -0.54 -17.75
N PHE A 457 13.07 0.37 -17.24
CA PHE A 457 12.76 1.05 -16.00
C PHE A 457 13.48 2.38 -15.91
N ASN A 458 12.69 3.44 -15.83
CA ASN A 458 13.20 4.80 -15.68
C ASN A 458 14.30 5.17 -16.64
N GLY A 459 14.30 4.76 -17.89
CA GLY A 459 15.32 5.12 -18.84
C GLY A 459 16.44 4.12 -18.98
N THR A 460 16.49 3.02 -18.26
CA THR A 460 17.54 2.04 -18.42
C THR A 460 16.96 0.70 -18.86
N ARG A 461 17.78 -0.26 -19.26
CA ARG A 461 17.37 -1.60 -19.63
C ARG A 461 18.10 -2.61 -18.76
N SER A 462 17.46 -3.59 -18.16
CA SER A 462 18.20 -4.55 -17.34
C SER A 462 17.67 -5.94 -17.63
N LYS A 463 18.34 -6.97 -17.13
CA LYS A 463 17.87 -8.32 -17.37
C LYS A 463 17.30 -8.92 -16.09
N PHE A 464 16.28 -9.76 -16.26
CA PHE A 464 15.68 -10.44 -15.12
C PHE A 464 16.61 -11.56 -14.69
N PRO A 465 16.78 -11.78 -13.41
CA PRO A 465 17.62 -12.87 -12.89
C PRO A 465 16.90 -14.20 -12.96
N ASP A 466 17.60 -15.31 -12.86
CA ASP A 466 16.93 -16.62 -12.89
C ASP A 466 16.71 -17.13 -11.47
N VAL A 467 15.59 -16.76 -10.88
CA VAL A 467 15.27 -17.11 -9.50
C VAL A 467 14.78 -18.53 -9.35
N LYS A 468 15.23 -19.20 -8.29
CA LYS A 468 14.86 -20.59 -8.01
C LYS A 468 14.18 -20.76 -6.67
N MET A 469 14.31 -19.77 -5.80
CA MET A 469 13.75 -19.83 -4.46
C MET A 469 13.21 -18.48 -4.00
N ALA A 470 12.08 -18.48 -3.33
CA ALA A 470 11.49 -17.28 -2.77
C ALA A 470 11.37 -17.43 -1.25
N TYR A 471 11.80 -16.41 -0.55
CA TYR A 471 11.69 -16.40 0.91
C TYR A 471 10.78 -15.23 1.29
N TRP A 472 9.62 -15.52 1.87
CA TRP A 472 8.70 -14.42 2.18
C TRP A 472 8.32 -14.37 3.64
N VAL A 473 8.52 -13.20 4.23
CA VAL A 473 8.12 -12.92 5.61
C VAL A 473 7.34 -11.61 5.60
N GLY A 474 6.41 -11.43 6.52
CA GLY A 474 5.59 -10.26 6.67
C GLY A 474 4.85 -9.72 5.47
N GLY A 475 4.45 -10.54 4.51
CA GLY A 475 3.70 -10.11 3.35
C GLY A 475 2.75 -11.19 2.85
N ASN A 476 1.84 -10.83 1.93
CA ASN A 476 0.86 -11.78 1.42
C ASN A 476 0.69 -11.67 -0.08
N PRO A 477 1.72 -12.06 -0.83
CA PRO A 477 1.71 -12.04 -2.28
C PRO A 477 0.62 -12.86 -2.92
N PHE A 478 0.04 -13.88 -2.28
CA PHE A 478 -1.09 -14.60 -2.80
C PHE A 478 -2.41 -13.90 -2.51
N VAL A 479 -2.41 -12.66 -2.05
CA VAL A 479 -3.56 -11.83 -1.87
C VAL A 479 -3.25 -10.47 -2.52
N HIS A 480 -2.04 -9.96 -2.39
CA HIS A 480 -1.71 -8.65 -2.95
C HIS A 480 -1.30 -8.60 -4.41
N HIS A 481 -0.80 -9.67 -5.03
CA HIS A 481 -0.39 -9.57 -6.42
C HIS A 481 -1.49 -9.82 -7.44
N GLN A 482 -1.44 -9.07 -8.53
CA GLN A 482 -2.46 -9.13 -9.57
C GLN A 482 -2.41 -10.39 -10.41
N ASP A 483 -3.57 -10.76 -10.95
CA ASP A 483 -3.79 -11.92 -11.78
C ASP A 483 -3.39 -13.22 -11.09
N ARG A 484 -4.17 -13.60 -10.08
CA ARG A 484 -3.90 -14.80 -9.31
C ARG A 484 -3.63 -16.03 -10.16
N ASN A 485 -4.49 -16.31 -11.12
CA ASN A 485 -4.30 -17.47 -11.99
C ASN A 485 -2.99 -17.45 -12.75
N ARG A 486 -2.48 -16.30 -13.19
CA ARG A 486 -1.18 -16.25 -13.82
C ARG A 486 -0.09 -16.63 -12.83
N MET A 487 -0.14 -16.08 -11.63
CA MET A 487 0.85 -16.29 -10.59
C MET A 487 0.88 -17.72 -10.08
N VAL A 488 -0.29 -18.33 -9.96
CA VAL A 488 -0.38 -19.72 -9.50
C VAL A 488 0.44 -20.61 -10.39
N LYS A 489 0.37 -20.49 -11.72
CA LYS A 489 1.17 -21.33 -12.60
C LYS A 489 2.61 -20.87 -12.61
N ALA A 490 2.86 -19.57 -12.49
CA ALA A 490 4.21 -19.06 -12.47
C ALA A 490 5.02 -19.55 -11.30
N TRP A 491 4.42 -19.74 -10.13
CA TRP A 491 5.11 -20.20 -8.93
C TRP A 491 5.69 -21.59 -9.02
N GLU A 492 5.28 -22.37 -10.02
CA GLU A 492 5.76 -23.71 -10.28
C GLU A 492 7.23 -23.70 -10.70
N LYS A 493 7.71 -22.58 -11.21
CA LYS A 493 9.07 -22.34 -11.58
C LYS A 493 10.04 -22.32 -10.42
N LEU A 494 9.57 -22.09 -9.19
CA LEU A 494 10.39 -22.04 -8.00
C LEU A 494 10.54 -23.40 -7.33
N GLU A 495 11.78 -23.80 -7.08
CA GLU A 495 12.08 -25.05 -6.41
C GLU A 495 11.53 -25.13 -4.99
N THR A 496 11.80 -24.07 -4.22
CA THR A 496 11.48 -23.91 -2.83
C THR A 496 10.83 -22.59 -2.46
N PHE A 497 9.79 -22.63 -1.64
CA PHE A 497 9.12 -21.43 -1.18
C PHE A 497 8.95 -21.45 0.33
N VAL A 498 9.66 -20.59 1.06
CA VAL A 498 9.57 -20.55 2.51
C VAL A 498 8.79 -19.34 3.00
N VAL A 499 7.83 -19.53 3.91
CA VAL A 499 7.02 -18.47 4.46
C VAL A 499 6.90 -18.41 5.98
N HIS A 500 6.97 -17.21 6.57
CA HIS A 500 6.73 -17.00 7.98
C HIS A 500 5.49 -16.10 8.16
N ASP A 501 4.54 -16.60 8.93
CA ASP A 501 3.38 -15.80 9.30
C ASP A 501 2.79 -16.36 10.58
N PHE A 502 1.87 -15.66 11.22
CA PHE A 502 1.23 -16.16 12.44
C PHE A 502 -0.21 -16.51 12.11
N GLN A 503 -0.64 -16.15 10.90
CA GLN A 503 -1.97 -16.47 10.41
C GLN A 503 -1.85 -17.35 9.18
N TRP A 504 -2.69 -18.34 9.01
CA TRP A 504 -2.67 -19.19 7.83
C TRP A 504 -3.30 -18.46 6.66
N THR A 505 -2.54 -17.55 6.07
CA THR A 505 -2.97 -16.83 4.88
C THR A 505 -2.83 -17.75 3.67
N PRO A 506 -3.44 -17.35 2.56
CA PRO A 506 -3.27 -18.01 1.29
C PRO A 506 -1.82 -18.13 0.90
N THR A 507 -0.94 -17.19 1.22
CA THR A 507 0.48 -17.31 1.02
C THR A 507 1.08 -18.43 1.85
N ALA A 508 0.66 -18.63 3.10
CA ALA A 508 1.25 -19.66 3.96
C ALA A 508 0.83 -21.06 3.51
N ARG A 509 -0.41 -21.17 3.06
CA ARG A 509 -0.97 -22.40 2.53
C ARG A 509 -0.24 -22.90 1.30
N HIS A 510 0.33 -21.98 0.54
CA HIS A 510 1.07 -22.25 -0.65
C HIS A 510 2.55 -22.46 -0.48
N ALA A 511 3.04 -22.48 0.75
CA ALA A 511 4.48 -22.60 0.97
C ALA A 511 4.94 -24.04 1.02
N ASP A 512 6.23 -24.24 0.78
CA ASP A 512 6.74 -25.61 0.86
C ASP A 512 7.05 -25.86 2.33
N ILE A 513 7.56 -24.81 2.96
CA ILE A 513 7.89 -24.75 4.36
C ILE A 513 7.30 -23.52 5.06
N VAL A 514 6.52 -23.77 6.11
CA VAL A 514 5.88 -22.76 6.91
C VAL A 514 6.33 -22.82 8.36
N LEU A 515 6.81 -21.69 8.85
CA LEU A 515 7.21 -21.53 10.24
C LEU A 515 6.37 -20.51 10.99
N PRO A 516 5.92 -20.91 12.18
CA PRO A 516 5.08 -20.08 13.03
C PRO A 516 5.79 -18.90 13.68
N ALA A 517 5.46 -17.68 13.27
CA ALA A 517 6.04 -16.48 13.85
C ALA A 517 5.15 -15.98 14.99
N THR A 518 5.64 -15.17 15.88
CA THR A 518 4.83 -14.62 16.96
C THR A 518 4.31 -13.24 16.55
N THR A 519 3.27 -12.79 17.25
CA THR A 519 2.86 -11.42 16.92
C THR A 519 3.80 -10.45 17.64
N SER A 520 3.52 -9.17 17.47
CA SER A 520 4.24 -8.09 18.12
C SER A 520 3.92 -8.06 19.60
N TYR A 521 2.81 -8.66 19.99
CA TYR A 521 2.33 -8.72 21.34
C TYR A 521 2.95 -9.85 22.16
N GLU A 522 3.86 -10.62 21.59
CA GLU A 522 4.49 -11.70 22.34
C GLU A 522 5.98 -11.42 22.50
N ARG A 523 6.36 -10.16 22.33
CA ARG A 523 7.77 -9.80 22.40
C ARG A 523 7.91 -8.36 22.85
N ASN A 524 9.11 -7.81 22.92
CA ASN A 524 9.34 -6.43 23.29
C ASN A 524 9.91 -5.71 22.07
N ASP A 525 9.76 -4.39 22.05
CA ASP A 525 10.19 -3.60 20.92
C ASP A 525 10.02 -2.12 21.20
N ILE A 526 10.61 -1.34 20.32
CA ILE A 526 10.52 0.10 20.37
C ILE A 526 10.17 0.61 18.98
N GLU A 527 9.35 1.64 18.90
CA GLU A 527 8.91 2.23 17.67
C GLU A 527 8.43 3.67 17.84
N THR A 528 8.46 4.42 16.75
CA THR A 528 8.00 5.78 16.65
C THR A 528 6.50 5.91 16.40
N ILE A 529 5.93 6.96 16.97
CA ILE A 529 4.56 7.33 16.86
C ILE A 529 4.44 8.54 15.93
N GLY A 530 3.94 8.31 14.73
CA GLY A 530 3.74 9.36 13.75
C GLY A 530 4.79 9.39 12.65
N ASP A 531 4.40 8.94 11.48
CA ASP A 531 5.22 8.86 10.29
C ASP A 531 5.74 10.21 9.84
N TYR A 532 4.93 11.24 10.03
CA TYR A 532 5.28 12.60 9.68
C TYR A 532 5.48 13.50 10.88
N SER A 533 4.64 13.35 11.90
CA SER A 533 4.66 14.20 13.07
C SER A 533 5.74 13.94 14.10
N ASN A 534 6.26 12.72 14.19
CA ASN A 534 7.23 12.38 15.21
C ASN A 534 6.80 12.84 16.60
N THR A 535 5.58 12.51 16.99
CA THR A 535 4.97 12.81 18.26
C THR A 535 5.72 12.25 19.44
N GLY A 536 6.25 11.03 19.32
CA GLY A 536 7.00 10.41 20.38
C GLY A 536 7.60 9.07 19.99
N ILE A 537 8.20 8.42 20.99
CA ILE A 537 8.79 7.09 20.87
C ILE A 537 8.05 6.20 21.87
N LEU A 538 7.59 5.03 21.42
CA LEU A 538 6.82 4.15 22.27
C LEU A 538 7.56 2.87 22.64
N ALA A 539 7.31 2.42 23.86
CA ALA A 539 7.87 1.12 24.27
C ALA A 539 6.79 0.09 23.94
N MET A 540 7.03 -0.81 23.00
CA MET A 540 6.05 -1.83 22.64
C MET A 540 6.34 -3.04 23.50
N LYS A 541 5.69 -3.08 24.65
CA LYS A 541 5.91 -4.08 25.67
C LYS A 541 5.21 -5.41 25.46
N LYS A 542 5.87 -6.47 25.88
CA LYS A 542 5.35 -7.82 25.74
C LYS A 542 4.06 -8.00 26.49
N ILE A 543 3.06 -8.67 25.94
CA ILE A 543 1.79 -8.78 26.64
C ILE A 543 1.57 -10.18 27.18
N VAL A 544 1.79 -11.17 26.35
CA VAL A 544 1.55 -12.57 26.68
C VAL A 544 2.71 -13.44 26.22
N GLU A 545 2.74 -14.70 26.59
CA GLU A 545 3.82 -15.58 26.16
C GLU A 545 3.62 -16.08 24.74
N PRO A 546 4.68 -16.27 23.99
CA PRO A 546 4.58 -16.77 22.63
C PRO A 546 3.63 -17.94 22.59
N LEU A 547 2.62 -17.95 21.72
CA LEU A 547 1.68 -19.07 21.66
C LEU A 547 2.23 -20.30 20.97
N TYR A 548 1.72 -21.45 21.37
CA TYR A 548 2.03 -22.78 20.87
C TYR A 548 3.51 -22.91 20.65
N GLU A 549 3.95 -23.11 19.42
CA GLU A 549 5.39 -23.18 19.18
C GLU A 549 5.91 -22.01 18.37
N ALA A 550 5.17 -20.91 18.38
CA ALA A 550 5.54 -19.71 17.65
C ALA A 550 6.88 -19.15 18.08
N ARG A 551 7.62 -18.51 17.20
CA ARG A 551 8.88 -17.89 17.55
C ARG A 551 9.03 -16.56 16.83
N SER A 552 9.81 -15.67 17.37
CA SER A 552 10.03 -14.39 16.71
C SER A 552 10.83 -14.64 15.45
N ASP A 553 10.65 -13.77 14.46
CA ASP A 553 11.40 -13.90 13.21
C ASP A 553 12.88 -13.83 13.49
N TYR A 554 13.32 -12.90 14.32
CA TYR A 554 14.65 -12.73 14.82
C TYR A 554 15.26 -14.04 15.35
N ASP A 555 14.55 -14.75 16.20
CA ASP A 555 15.04 -16.03 16.70
C ASP A 555 15.20 -17.05 15.59
N ILE A 556 14.26 -17.13 14.66
CA ILE A 556 14.35 -18.05 13.55
C ILE A 556 15.51 -17.65 12.64
N PHE A 557 15.73 -16.38 12.35
CA PHE A 557 16.85 -16.01 11.50
C PHE A 557 18.18 -16.18 12.23
N ALA A 558 18.24 -16.01 13.54
CA ALA A 558 19.47 -16.24 14.28
C ALA A 558 19.91 -17.70 14.14
N ALA A 559 18.97 -18.61 14.34
CA ALA A 559 19.15 -20.04 14.25
C ALA A 559 19.62 -20.51 12.88
N VAL A 560 19.08 -19.91 11.82
CA VAL A 560 19.48 -20.23 10.46
C VAL A 560 20.83 -19.61 10.18
N ALA A 561 21.11 -18.40 10.63
CA ALA A 561 22.47 -17.86 10.47
C ALA A 561 23.50 -18.78 11.12
N GLU A 562 23.19 -19.35 12.28
CA GLU A 562 24.05 -20.26 13.01
C GLU A 562 24.43 -21.46 12.18
N ARG A 563 23.48 -22.07 11.46
CA ARG A 563 23.79 -23.22 10.62
C ARG A 563 24.58 -22.89 9.36
N LEU A 564 24.60 -21.64 8.97
CA LEU A 564 25.43 -21.19 7.88
C LEU A 564 26.83 -20.80 8.39
N GLY A 565 27.14 -21.07 9.65
CA GLY A 565 28.38 -20.75 10.29
C GLY A 565 28.51 -19.25 10.51
N LYS A 566 27.40 -18.53 10.70
CA LYS A 566 27.48 -17.08 10.83
C LYS A 566 26.62 -16.43 11.90
N GLY A 567 26.36 -17.07 13.03
CA GLY A 567 25.53 -16.57 14.10
C GLY A 567 25.94 -15.31 14.80
N ALA A 568 27.18 -15.17 15.26
CA ALA A 568 27.64 -13.94 15.89
C ALA A 568 27.56 -12.75 14.96
N GLU A 569 27.73 -12.93 13.66
CA GLU A 569 27.60 -11.85 12.71
C GLU A 569 26.14 -11.41 12.63
N PHE A 570 25.19 -12.33 12.80
CA PHE A 570 23.80 -11.93 12.73
C PHE A 570 23.39 -11.21 14.00
N THR A 571 23.63 -11.82 15.16
CA THR A 571 23.20 -11.32 16.44
C THR A 571 24.05 -10.20 17.00
N GLU A 572 25.35 -10.18 16.71
CA GLU A 572 26.18 -9.09 17.20
C GLU A 572 26.37 -9.08 18.71
N GLY A 573 26.27 -10.27 19.31
CA GLY A 573 26.37 -10.47 20.71
C GLY A 573 25.28 -9.88 21.58
N LYS A 574 24.16 -9.45 21.05
CA LYS A 574 23.13 -8.82 21.84
C LYS A 574 21.83 -9.61 21.92
N ASP A 575 21.08 -9.38 22.99
CA ASP A 575 19.76 -10.04 23.07
C ASP A 575 18.69 -8.98 22.85
N GLU A 576 17.43 -9.34 22.94
CA GLU A 576 16.30 -8.46 22.69
C GLU A 576 16.41 -7.09 23.31
N MET A 577 16.57 -7.01 24.63
CA MET A 577 16.65 -5.73 25.34
C MET A 577 17.96 -5.00 25.06
N GLY A 578 18.98 -5.77 24.71
CA GLY A 578 20.26 -5.21 24.35
C GLY A 578 20.10 -4.33 23.12
N TRP A 579 19.43 -4.86 22.11
CA TRP A 579 19.17 -4.14 20.88
C TRP A 579 18.26 -2.94 21.11
N ILE A 580 17.20 -3.12 21.89
CA ILE A 580 16.24 -2.05 22.15
C ILE A 580 16.87 -0.88 22.89
N LYS A 581 17.72 -1.17 23.87
CA LYS A 581 18.37 -0.11 24.63
C LYS A 581 19.36 0.65 23.77
N SER A 582 20.03 -0.01 22.86
CA SER A 582 20.94 0.70 21.97
C SER A 582 20.20 1.58 20.97
N PHE A 583 19.00 1.26 20.54
CA PHE A 583 18.28 2.18 19.64
C PHE A 583 17.84 3.44 20.39
N TYR A 584 17.25 3.23 21.57
CA TYR A 584 16.81 4.34 22.42
C TYR A 584 17.95 5.28 22.79
N ASP A 585 19.07 4.71 23.20
CA ASP A 585 20.23 5.50 23.57
C ASP A 585 20.73 6.36 22.42
N ASP A 586 20.74 5.84 21.20
CA ASP A 586 21.14 6.59 20.03
C ASP A 586 20.30 7.82 19.79
N ALA A 587 18.98 7.66 19.91
CA ALA A 587 18.04 8.75 19.72
C ALA A 587 18.17 9.77 20.84
N ALA A 588 18.45 9.24 22.03
CA ALA A 588 18.61 10.08 23.22
C ALA A 588 19.86 10.94 23.06
N LYS A 589 20.95 10.38 22.52
CA LYS A 589 22.12 11.23 22.29
C LYS A 589 21.78 12.24 21.21
N GLN A 590 21.11 11.87 20.14
CA GLN A 590 20.62 12.77 19.12
C GLN A 590 19.77 13.87 19.72
N GLY A 591 18.71 13.54 20.46
CA GLY A 591 17.86 14.53 21.10
C GLY A 591 18.66 15.53 21.93
N LYS A 592 19.54 15.00 22.77
CA LYS A 592 20.40 15.81 23.62
C LYS A 592 21.11 16.88 22.81
N ALA A 593 21.82 16.50 21.75
CA ALA A 593 22.50 17.50 20.93
C ALA A 593 21.56 18.57 20.38
N ALA A 594 20.28 18.29 20.19
CA ALA A 594 19.36 19.26 19.61
C ALA A 594 18.52 19.93 20.69
N GLY A 595 18.95 19.83 21.93
CA GLY A 595 18.18 20.45 23.00
C GLY A 595 16.84 19.82 23.28
N VAL A 596 16.69 18.50 23.10
CA VAL A 596 15.45 17.83 23.49
C VAL A 596 15.82 16.86 24.58
N GLN A 597 15.32 17.00 25.80
CA GLN A 597 15.81 16.09 26.86
C GLN A 597 15.01 14.82 26.87
N MET A 598 15.66 13.70 27.17
CA MET A 598 14.97 12.41 27.20
C MET A 598 15.48 11.58 28.36
N PRO A 599 14.57 10.89 29.03
CA PRO A 599 14.91 10.08 30.19
C PRO A 599 16.00 9.06 29.94
N ALA A 600 16.39 8.33 30.99
CA ALA A 600 17.39 7.26 30.76
C ALA A 600 16.62 6.02 30.32
N PHE A 601 17.21 5.03 29.68
CA PHE A 601 16.45 3.88 29.22
C PHE A 601 15.42 3.33 30.19
N ASP A 602 15.76 2.92 31.40
CA ASP A 602 14.81 2.33 32.34
C ASP A 602 13.67 3.26 32.72
N ALA A 603 13.98 4.54 32.83
CA ALA A 603 12.99 5.57 33.14
C ALA A 603 11.92 5.60 32.06
N PHE A 604 12.37 5.68 30.82
CA PHE A 604 11.63 5.60 29.61
C PHE A 604 10.81 4.31 29.56
N TRP A 605 11.41 3.17 29.92
CA TRP A 605 10.66 1.93 29.89
C TRP A 605 9.56 1.88 30.93
N ALA A 606 9.78 2.45 32.10
CA ALA A 606 8.83 2.50 33.19
C ALA A 606 7.65 3.37 32.79
N GLU A 607 7.89 4.43 32.07
CA GLU A 607 6.83 5.30 31.59
C GLU A 607 6.18 4.69 30.35
N GLY A 608 6.95 4.07 29.49
CA GLY A 608 6.47 3.48 28.27
C GLY A 608 6.36 4.38 27.06
N ILE A 609 6.42 5.69 27.26
CA ILE A 609 6.31 6.65 26.18
C ILE A 609 7.06 7.93 26.46
N VAL A 610 7.64 8.57 25.47
CA VAL A 610 8.27 9.88 25.53
C VAL A 610 7.62 10.76 24.45
N GLU A 611 7.12 11.93 24.77
CA GLU A 611 6.51 12.75 23.72
C GLU A 611 7.41 13.93 23.47
N PHE A 612 7.58 14.40 22.25
CA PHE A 612 8.42 15.55 21.97
C PHE A 612 7.55 16.77 21.71
N PRO A 613 8.11 17.95 21.86
CA PRO A 613 7.41 19.20 21.68
C PRO A 613 7.33 19.73 20.25
N VAL A 614 6.36 20.60 19.98
CA VAL A 614 6.19 21.21 18.67
C VAL A 614 6.56 22.68 18.76
N THR A 615 7.56 23.09 17.99
CA THR A 615 8.06 24.45 17.96
C THR A 615 7.49 25.22 16.78
N ASP A 616 8.07 25.10 15.60
CA ASP A 616 7.57 25.77 14.42
C ASP A 616 6.91 24.86 13.41
N GLY A 617 6.66 23.59 13.74
CA GLY A 617 6.05 22.64 12.84
C GLY A 617 4.61 22.84 12.46
N ALA A 618 3.85 23.75 13.03
CA ALA A 618 2.45 23.98 12.72
C ALA A 618 2.27 25.12 11.74
N ASP A 619 3.39 25.69 11.34
CA ASP A 619 3.42 26.82 10.42
C ASP A 619 4.00 26.48 9.05
N PHE A 620 4.39 25.23 8.88
CA PHE A 620 5.04 24.75 7.68
C PHE A 620 4.11 24.71 6.49
N VAL A 621 4.60 25.29 5.40
CA VAL A 621 3.86 25.40 4.15
C VAL A 621 4.69 24.76 3.06
N ARG A 622 4.17 23.67 2.49
CA ARG A 622 4.91 23.04 1.41
C ARG A 622 5.11 24.00 0.24
N TYR A 623 6.34 24.01 -0.29
CA TYR A 623 6.73 24.82 -1.42
C TYR A 623 6.84 26.31 -1.19
N ALA A 624 6.75 26.82 0.02
CA ALA A 624 6.87 28.23 0.26
C ALA A 624 8.23 28.85 0.00
N SER A 625 9.32 28.15 0.20
CA SER A 625 10.62 28.81 -0.05
C SER A 625 10.86 28.86 -1.55
N PHE A 626 10.41 27.82 -2.25
CA PHE A 626 10.50 27.80 -3.69
C PHE A 626 9.77 28.98 -4.31
N ARG A 627 8.55 29.24 -3.86
CA ARG A 627 7.79 30.36 -4.42
C ARG A 627 8.37 31.73 -4.05
N GLU A 628 8.82 31.86 -2.82
CA GLU A 628 9.41 33.09 -2.35
C GLU A 628 10.60 33.54 -3.17
N ASP A 629 11.52 32.64 -3.46
CA ASP A 629 12.70 32.98 -4.27
C ASP A 629 13.21 31.76 -5.01
N PRO A 630 12.73 31.59 -6.25
CA PRO A 630 13.07 30.45 -7.07
C PRO A 630 14.51 30.32 -7.49
N LEU A 631 15.25 31.42 -7.59
CA LEU A 631 16.66 31.38 -7.95
C LEU A 631 17.48 30.88 -6.76
N LEU A 632 17.15 31.37 -5.59
CA LEU A 632 17.86 30.98 -4.37
C LEU A 632 17.50 29.57 -3.96
N ASN A 633 16.24 29.18 -4.14
CA ASN A 633 15.73 27.88 -3.74
C ASN A 633 15.01 27.09 -4.82
N PRO A 634 15.74 26.62 -5.82
CA PRO A 634 15.19 25.89 -6.94
C PRO A 634 14.80 24.45 -6.66
N LEU A 635 14.01 23.90 -7.58
CA LEU A 635 13.56 22.52 -7.45
C LEU A 635 14.71 21.62 -7.87
N GLY A 636 14.65 20.33 -7.58
CA GLY A 636 15.71 19.43 -7.95
C GLY A 636 15.57 18.81 -9.32
N THR A 637 15.10 19.53 -10.31
CA THR A 637 14.99 19.06 -11.66
C THR A 637 16.11 19.68 -12.48
N PRO A 638 16.31 19.24 -13.72
CA PRO A 638 17.37 19.75 -14.56
C PRO A 638 17.30 21.25 -14.72
N THR A 639 16.12 21.79 -14.94
CA THR A 639 15.79 23.18 -15.10
C THR A 639 15.62 23.92 -13.78
N GLY A 640 15.32 23.19 -12.72
CA GLY A 640 15.08 23.79 -11.42
C GLY A 640 13.67 24.31 -11.28
N LEU A 641 12.78 24.02 -12.22
CA LEU A 641 11.40 24.51 -12.14
C LEU A 641 10.41 23.36 -12.32
N ILE A 642 9.12 23.65 -12.18
CA ILE A 642 8.09 22.63 -12.38
C ILE A 642 8.14 22.21 -13.84
N GLU A 643 8.46 20.96 -14.15
CA GLU A 643 8.60 20.54 -15.53
C GLU A 643 7.32 19.96 -16.11
N ILE A 644 6.65 20.75 -16.92
CA ILE A 644 5.43 20.32 -17.58
C ILE A 644 5.78 19.52 -18.82
N TYR A 645 6.91 19.86 -19.42
CA TYR A 645 7.42 19.08 -20.54
C TYR A 645 8.74 18.48 -20.06
N SER A 646 9.00 17.21 -20.32
CA SER A 646 10.25 16.64 -19.84
C SER A 646 11.17 16.23 -20.95
N LYS A 647 12.33 16.89 -21.11
CA LYS A 647 13.29 16.55 -22.15
C LYS A 647 13.94 15.21 -21.84
N ASN A 648 14.15 14.98 -20.55
CA ASN A 648 14.69 13.73 -20.04
C ASN A 648 13.79 12.57 -20.46
N ILE A 649 12.49 12.71 -20.17
CA ILE A 649 11.56 11.65 -20.51
C ILE A 649 11.39 11.51 -22.02
N GLU A 650 11.50 12.63 -22.74
CA GLU A 650 11.45 12.59 -24.18
C GLU A 650 12.67 11.84 -24.70
N LYS A 651 13.85 11.99 -24.12
CA LYS A 651 15.01 11.25 -24.56
C LYS A 651 14.79 9.75 -24.42
N MET A 652 14.08 9.28 -23.40
CA MET A 652 13.87 7.86 -23.20
C MET A 652 13.12 7.22 -24.35
N GLY A 653 12.22 7.87 -25.05
CA GLY A 653 11.53 7.32 -26.17
C GLY A 653 10.44 6.32 -25.86
N TYR A 654 9.87 6.31 -24.67
CA TYR A 654 8.81 5.39 -24.30
C TYR A 654 7.45 5.72 -24.88
N ASP A 655 6.89 4.79 -25.64
CA ASP A 655 5.58 4.95 -26.26
C ASP A 655 4.48 5.23 -25.24
N ASP A 656 4.44 4.48 -24.15
CA ASP A 656 3.43 4.60 -23.11
C ASP A 656 3.76 5.60 -22.01
N CYS A 657 4.62 6.56 -22.24
CA CYS A 657 4.98 7.60 -21.32
C CYS A 657 5.66 8.74 -22.07
N PRO A 658 4.85 9.58 -22.68
CA PRO A 658 5.31 10.71 -23.45
C PRO A 658 6.03 11.72 -22.59
N ALA A 659 6.48 12.81 -23.20
CA ALA A 659 7.22 13.85 -22.51
C ALA A 659 6.38 14.92 -21.85
N HIS A 660 5.07 14.81 -21.85
CA HIS A 660 4.19 15.75 -21.16
C HIS A 660 2.91 14.99 -20.83
N PRO A 661 2.15 15.45 -19.85
CA PRO A 661 0.92 14.78 -19.47
C PRO A 661 0.06 14.50 -20.69
N THR A 662 -0.41 13.27 -20.87
CA THR A 662 -1.16 12.91 -22.05
C THR A 662 -2.29 11.93 -21.77
N TRP A 663 -3.41 12.03 -22.46
CA TRP A 663 -4.50 11.08 -22.32
C TRP A 663 -4.33 9.94 -23.32
N MET A 664 -4.32 8.70 -22.88
CA MET A 664 -4.16 7.49 -23.67
C MET A 664 -5.23 6.47 -23.33
N GLU A 665 -5.51 5.49 -24.17
CA GLU A 665 -6.53 4.49 -23.84
C GLU A 665 -5.88 3.43 -22.95
N PRO A 666 -6.54 3.15 -21.84
CA PRO A 666 -6.07 2.13 -20.92
C PRO A 666 -6.34 0.78 -21.56
N LEU A 667 -5.73 -0.28 -21.03
CA LEU A 667 -6.02 -1.62 -21.52
C LEU A 667 -7.52 -1.87 -21.55
N GLU A 668 -8.25 -1.50 -20.51
CA GLU A 668 -9.69 -1.65 -20.44
C GLU A 668 -10.30 -0.64 -19.49
N ARG A 669 -11.34 0.05 -19.94
CA ARG A 669 -12.04 1.01 -19.10
C ARG A 669 -13.53 0.84 -19.35
N LEU A 670 -14.33 1.34 -18.43
CA LEU A 670 -15.78 1.28 -18.51
C LEU A 670 -16.25 2.21 -19.62
N ASP A 671 -17.03 1.63 -20.52
CA ASP A 671 -17.59 2.28 -21.69
C ASP A 671 -16.51 2.69 -22.68
N GLY A 672 -15.38 1.99 -22.70
CA GLY A 672 -14.33 2.33 -23.66
C GLY A 672 -14.62 1.64 -24.98
N PRO A 673 -14.10 2.18 -26.07
CA PRO A 673 -14.23 1.59 -27.38
C PRO A 673 -13.87 0.11 -27.42
N GLY A 674 -14.87 -0.74 -27.62
CA GLY A 674 -14.72 -2.16 -27.69
C GLY A 674 -14.51 -2.91 -26.39
N ALA A 675 -14.81 -2.32 -25.26
CA ALA A 675 -14.66 -2.97 -23.97
C ALA A 675 -15.46 -4.26 -23.90
N LYS A 676 -14.89 -5.38 -23.48
CA LYS A 676 -15.67 -6.60 -23.40
C LYS A 676 -16.62 -6.68 -22.20
N TYR A 677 -16.24 -6.12 -21.06
CA TYR A 677 -17.05 -6.28 -19.87
C TYR A 677 -17.67 -4.99 -19.40
N PRO A 678 -18.82 -5.11 -18.75
CA PRO A 678 -19.63 -3.97 -18.42
C PRO A 678 -19.41 -3.20 -17.15
N LEU A 679 -18.93 -3.84 -16.09
CA LEU A 679 -18.74 -3.19 -14.81
C LEU A 679 -17.28 -2.99 -14.42
N HIS A 680 -17.04 -1.83 -13.81
CA HIS A 680 -15.71 -1.50 -13.32
C HIS A 680 -15.58 -1.89 -11.85
N ILE A 681 -14.62 -2.70 -11.48
CA ILE A 681 -14.46 -3.07 -10.08
C ILE A 681 -13.52 -2.12 -9.34
N ALA A 682 -14.09 -1.30 -8.45
CA ALA A 682 -13.27 -0.40 -7.64
C ALA A 682 -12.57 -1.22 -6.56
N ALA A 683 -11.47 -1.88 -6.87
CA ALA A 683 -10.74 -2.73 -5.94
C ALA A 683 -9.85 -1.98 -4.95
N SER A 684 -10.42 -1.09 -4.16
CA SER A 684 -9.79 -0.18 -3.26
C SER A 684 -9.45 -0.77 -1.92
N HIS A 685 -8.91 0.05 -1.02
CA HIS A 685 -8.47 -0.43 0.29
C HIS A 685 -9.64 -0.59 1.25
N PRO A 686 -9.65 -1.67 2.01
CA PRO A 686 -10.72 -2.01 2.90
C PRO A 686 -10.88 -1.15 4.14
N PHE A 687 -12.13 -0.94 4.53
CA PHE A 687 -12.45 -0.19 5.73
C PHE A 687 -12.10 -0.98 7.00
N ASN A 688 -12.56 -2.22 7.08
CA ASN A 688 -12.34 -3.05 8.23
C ASN A 688 -11.23 -4.08 8.15
N ARG A 689 -10.23 -3.79 7.34
CA ARG A 689 -9.06 -4.64 7.27
C ARG A 689 -7.87 -3.72 7.00
N LEU A 690 -6.66 -4.23 7.18
CA LEU A 690 -5.48 -3.50 6.76
C LEU A 690 -4.96 -4.47 5.69
N HIS A 691 -5.40 -4.22 4.46
CA HIS A 691 -5.08 -5.11 3.35
C HIS A 691 -5.78 -6.43 3.65
N SER A 692 -5.02 -7.52 3.75
CA SER A 692 -5.54 -8.81 4.10
C SER A 692 -5.58 -9.09 5.59
N GLN A 693 -4.90 -8.25 6.35
CA GLN A 693 -4.81 -8.42 7.78
C GLN A 693 -6.15 -8.22 8.48
N LEU A 694 -6.43 -9.14 9.37
CA LEU A 694 -7.60 -9.19 10.23
C LEU A 694 -8.79 -9.88 9.56
N ASN A 695 -8.57 -10.56 8.45
CA ASN A 695 -9.63 -11.21 7.72
C ASN A 695 -10.13 -12.46 8.43
N GLY A 696 -9.24 -13.09 9.17
CA GLY A 696 -9.53 -14.33 9.87
C GLY A 696 -9.85 -14.11 11.34
N THR A 697 -10.55 -13.03 11.65
CA THR A 697 -10.91 -12.70 13.01
C THR A 697 -12.39 -12.42 13.12
N VAL A 698 -12.88 -12.12 14.32
CA VAL A 698 -14.26 -11.76 14.54
C VAL A 698 -14.72 -10.60 13.70
N LEU A 699 -13.92 -9.63 13.31
CA LEU A 699 -14.40 -8.55 12.47
C LEU A 699 -15.11 -9.01 11.21
N ARG A 700 -14.80 -10.12 10.57
CA ARG A 700 -15.38 -10.56 9.32
C ARG A 700 -16.88 -10.79 9.36
N GLU A 701 -17.43 -11.04 10.53
CA GLU A 701 -18.84 -11.22 10.79
C GLU A 701 -19.70 -10.00 10.51
N GLY A 702 -19.18 -8.79 10.61
CA GLY A 702 -19.93 -7.58 10.35
C GLY A 702 -19.86 -7.13 8.92
N TYR A 703 -19.10 -7.71 8.00
CA TYR A 703 -19.14 -7.21 6.63
C TYR A 703 -19.37 -8.35 5.65
N ALA A 704 -19.09 -9.58 6.06
CA ALA A 704 -19.23 -10.68 5.10
C ALA A 704 -20.69 -10.85 4.76
N VAL A 705 -20.98 -11.26 3.53
CA VAL A 705 -22.35 -11.51 3.08
C VAL A 705 -22.46 -12.95 2.63
N GLN A 706 -23.11 -13.78 3.43
CA GLN A 706 -23.25 -15.21 3.26
C GLN A 706 -21.92 -15.96 3.39
N GLY A 707 -21.01 -15.35 4.16
CA GLY A 707 -19.69 -15.84 4.44
C GLY A 707 -18.72 -15.29 3.42
N HIS A 708 -19.15 -14.49 2.46
CA HIS A 708 -18.20 -14.04 1.44
C HIS A 708 -17.84 -12.59 1.59
N GLU A 709 -16.82 -12.16 0.86
CA GLU A 709 -16.40 -10.77 0.84
C GLU A 709 -17.54 -9.99 0.19
N PRO A 710 -17.91 -8.86 0.74
CA PRO A 710 -18.99 -8.06 0.22
C PRO A 710 -18.70 -7.42 -1.12
N CYS A 711 -19.73 -7.19 -1.91
CA CYS A 711 -19.70 -6.58 -3.20
C CYS A 711 -20.76 -5.49 -3.23
N LEU A 712 -20.41 -4.22 -3.28
CA LEU A 712 -21.42 -3.16 -3.30
C LEU A 712 -21.89 -2.92 -4.72
N MET A 713 -23.16 -3.11 -5.03
CA MET A 713 -23.72 -2.98 -6.36
C MET A 713 -24.87 -2.00 -6.42
N HIS A 714 -24.97 -1.26 -7.51
CA HIS A 714 -26.03 -0.26 -7.68
C HIS A 714 -27.34 -0.95 -7.98
N PRO A 715 -28.44 -0.45 -7.43
CA PRO A 715 -29.76 -0.99 -7.69
C PRO A 715 -30.09 -1.18 -9.16
N ASP A 716 -29.72 -0.26 -10.05
CA ASP A 716 -30.03 -0.48 -11.46
C ASP A 716 -29.25 -1.68 -11.98
N ASP A 717 -27.97 -1.78 -11.65
CA ASP A 717 -27.15 -2.89 -12.09
C ASP A 717 -27.62 -4.21 -11.53
N ALA A 718 -28.17 -4.23 -10.32
CA ALA A 718 -28.66 -5.46 -9.73
C ALA A 718 -29.98 -5.89 -10.35
N ALA A 719 -30.87 -4.94 -10.63
CA ALA A 719 -32.14 -5.23 -11.28
C ALA A 719 -31.88 -5.95 -12.60
N ALA A 720 -31.11 -5.31 -13.48
CA ALA A 720 -30.76 -5.87 -14.77
C ALA A 720 -30.36 -7.34 -14.76
N ARG A 721 -29.60 -7.79 -13.77
CA ARG A 721 -29.17 -9.17 -13.70
C ARG A 721 -30.07 -10.00 -12.79
N GLY A 722 -31.17 -9.40 -12.35
CA GLY A 722 -32.08 -10.06 -11.43
C GLY A 722 -31.30 -10.47 -10.19
N ILE A 723 -30.57 -9.52 -9.59
CA ILE A 723 -29.83 -9.77 -8.39
C ILE A 723 -30.47 -9.11 -7.18
N ALA A 724 -30.65 -9.88 -6.11
CA ALA A 724 -31.24 -9.28 -4.91
C ALA A 724 -30.18 -9.13 -3.82
N ASP A 725 -30.31 -8.07 -3.04
CA ASP A 725 -29.43 -7.80 -1.92
C ASP A 725 -29.29 -9.03 -1.04
N GLY A 726 -28.08 -9.47 -0.79
CA GLY A 726 -27.85 -10.63 0.05
C GLY A 726 -27.49 -11.87 -0.74
N ASP A 727 -27.61 -11.83 -2.06
CA ASP A 727 -27.32 -12.99 -2.87
C ASP A 727 -25.82 -13.24 -2.99
N VAL A 728 -25.49 -14.50 -3.28
CA VAL A 728 -24.12 -14.88 -3.56
C VAL A 728 -23.96 -14.66 -5.07
N VAL A 729 -22.94 -13.97 -5.53
CA VAL A 729 -22.79 -13.71 -6.94
C VAL A 729 -21.49 -14.27 -7.48
N ARG A 730 -21.46 -14.47 -8.79
CA ARG A 730 -20.23 -14.91 -9.44
C ARG A 730 -19.70 -13.68 -10.19
N VAL A 731 -18.48 -13.28 -9.91
CA VAL A 731 -17.83 -12.15 -10.56
C VAL A 731 -16.72 -12.73 -11.43
N HIS A 732 -16.78 -12.43 -12.71
CA HIS A 732 -15.82 -13.06 -13.63
C HIS A 732 -15.49 -12.25 -14.87
N ASN A 733 -14.33 -12.55 -15.42
CA ASN A 733 -13.87 -11.90 -16.66
C ASN A 733 -13.05 -12.96 -17.40
N ASP A 734 -12.20 -12.60 -18.33
CA ASP A 734 -11.44 -13.62 -19.03
C ASP A 734 -10.26 -14.11 -18.21
N ARG A 735 -9.92 -13.36 -17.17
CA ARG A 735 -8.80 -13.68 -16.31
C ARG A 735 -9.13 -14.67 -15.21
N GLY A 736 -10.26 -14.54 -14.54
CA GLY A 736 -10.61 -15.43 -13.43
C GLY A 736 -12.05 -15.32 -12.96
N GLN A 737 -12.43 -16.09 -11.94
CA GLN A 737 -13.80 -16.04 -11.42
C GLN A 737 -13.88 -16.16 -9.91
N ILE A 738 -14.66 -15.30 -9.27
CA ILE A 738 -14.81 -15.29 -7.82
C ILE A 738 -16.29 -15.28 -7.40
N LEU A 739 -16.54 -15.61 -6.14
CA LEU A 739 -17.85 -15.53 -5.53
C LEU A 739 -17.81 -14.39 -4.52
N THR A 740 -18.84 -13.57 -4.42
CA THR A 740 -18.93 -12.55 -3.41
C THR A 740 -20.41 -12.52 -2.99
N GLY A 741 -20.73 -11.68 -2.02
CA GLY A 741 -22.08 -11.50 -1.53
C GLY A 741 -22.41 -10.03 -1.74
N VAL A 742 -23.52 -9.78 -2.40
CA VAL A 742 -23.92 -8.45 -2.78
C VAL A 742 -24.62 -7.63 -1.73
N LYS A 743 -24.26 -6.37 -1.59
CA LYS A 743 -24.97 -5.38 -0.80
C LYS A 743 -25.49 -4.36 -1.82
N VAL A 744 -26.78 -4.11 -1.91
CA VAL A 744 -27.29 -3.14 -2.89
C VAL A 744 -27.36 -1.76 -2.29
N THR A 745 -26.79 -0.75 -2.92
CA THR A 745 -26.71 0.62 -2.47
C THR A 745 -26.45 1.54 -3.66
N ASP A 746 -26.88 2.78 -3.53
CA ASP A 746 -26.62 3.77 -4.57
C ASP A 746 -25.38 4.58 -4.21
N ALA A 747 -24.62 4.10 -3.22
CA ALA A 747 -23.34 4.69 -2.86
C ALA A 747 -22.42 4.57 -4.07
N VAL A 748 -22.33 3.36 -4.62
CA VAL A 748 -21.54 3.18 -5.83
C VAL A 748 -22.32 3.74 -7.03
N MET A 749 -21.58 4.39 -7.91
CA MET A 749 -22.19 4.96 -9.10
C MET A 749 -22.51 3.82 -10.05
N LYS A 750 -23.51 4.00 -10.90
CA LYS A 750 -23.91 2.96 -11.85
C LYS A 750 -22.77 2.67 -12.80
N GLY A 751 -22.50 1.40 -13.04
CA GLY A 751 -21.45 0.96 -13.93
C GLY A 751 -20.20 0.50 -13.21
N VAL A 752 -20.13 0.82 -11.92
CA VAL A 752 -19.01 0.48 -11.09
C VAL A 752 -19.46 -0.40 -9.92
N ILE A 753 -18.64 -1.39 -9.53
CA ILE A 753 -18.90 -2.20 -8.36
C ILE A 753 -17.71 -2.14 -7.39
N GLN A 754 -17.98 -2.21 -6.08
CA GLN A 754 -16.94 -2.17 -5.07
C GLN A 754 -16.67 -3.50 -4.38
N ILE A 755 -15.51 -4.05 -4.69
CA ILE A 755 -14.97 -5.24 -4.08
C ILE A 755 -13.56 -4.85 -3.60
N TYR A 756 -13.37 -4.80 -2.30
CA TYR A 756 -12.10 -4.37 -1.73
C TYR A 756 -10.97 -5.38 -1.88
N GLU A 757 -9.75 -4.89 -1.92
CA GLU A 757 -8.59 -5.77 -1.93
C GLU A 757 -8.42 -6.31 -0.50
N GLY A 758 -7.71 -7.43 -0.40
CA GLY A 758 -7.45 -8.03 0.89
C GLY A 758 -8.16 -9.34 1.14
N GLY A 759 -9.07 -9.78 0.29
CA GLY A 759 -9.80 -11.02 0.49
C GLY A 759 -8.88 -12.22 0.44
N TRP A 760 -9.06 -13.14 1.37
CA TRP A 760 -8.24 -14.33 1.44
C TRP A 760 -8.69 -15.36 0.42
N TYR A 761 -7.86 -15.54 -0.60
CA TYR A 761 -8.09 -16.45 -1.71
C TYR A 761 -8.48 -17.84 -1.22
N ASP A 762 -9.57 -18.44 -1.68
CA ASP A 762 -9.94 -19.79 -1.29
C ASP A 762 -10.33 -20.70 -2.44
N PRO A 763 -9.34 -21.17 -3.19
CA PRO A 763 -9.56 -22.01 -4.36
C PRO A 763 -10.31 -23.30 -4.12
N SER A 764 -11.22 -23.63 -5.02
CA SER A 764 -11.96 -24.88 -4.90
C SER A 764 -11.01 -26.04 -5.12
N ASP A 765 -10.20 -25.91 -6.16
CA ASP A 765 -9.19 -26.95 -6.40
C ASP A 765 -7.93 -26.31 -6.95
N VAL A 766 -6.81 -26.54 -6.24
CA VAL A 766 -5.54 -25.97 -6.67
C VAL A 766 -4.99 -26.60 -7.93
N THR A 767 -5.46 -27.78 -8.31
CA THR A 767 -4.98 -28.42 -9.51
C THR A 767 -5.75 -27.98 -10.74
N GLU A 768 -6.91 -27.36 -10.54
CA GLU A 768 -7.72 -26.91 -11.67
C GLU A 768 -7.49 -25.47 -12.06
N PRO A 769 -6.88 -25.31 -13.23
CA PRO A 769 -6.63 -24.00 -13.81
C PRO A 769 -7.89 -23.16 -13.85
N GLY A 770 -7.88 -21.98 -13.27
CA GLY A 770 -9.00 -21.07 -13.27
C GLY A 770 -10.05 -21.45 -12.25
N THR A 771 -9.70 -22.28 -11.29
CA THR A 771 -10.65 -22.70 -10.27
C THR A 771 -11.38 -21.49 -9.71
N LEU A 772 -12.65 -21.69 -9.38
CA LEU A 772 -13.42 -20.60 -8.77
C LEU A 772 -12.91 -20.37 -7.36
N ASP A 773 -12.66 -19.11 -7.03
CA ASP A 773 -12.26 -18.72 -5.70
C ASP A 773 -13.54 -18.68 -4.88
N LYS A 774 -13.61 -19.44 -3.81
CA LYS A 774 -14.82 -19.42 -2.99
C LYS A 774 -15.05 -18.19 -2.14
N TYR A 775 -14.03 -17.42 -1.75
CA TYR A 775 -14.22 -16.34 -0.80
C TYR A 775 -14.37 -14.95 -1.40
N GLY A 776 -13.41 -14.52 -2.21
CA GLY A 776 -13.51 -13.19 -2.76
C GLY A 776 -12.22 -12.41 -2.86
N ASP A 777 -11.20 -12.95 -3.50
CA ASP A 777 -9.94 -12.25 -3.70
C ASP A 777 -10.05 -11.44 -4.97
N VAL A 778 -10.18 -10.12 -4.91
CA VAL A 778 -10.32 -9.32 -6.12
C VAL A 778 -9.19 -9.45 -7.12
N ASN A 779 -7.98 -9.83 -6.74
CA ASN A 779 -6.85 -9.98 -7.61
C ASN A 779 -6.90 -11.26 -8.44
N VAL A 780 -8.01 -12.00 -8.39
CA VAL A 780 -8.26 -13.12 -9.27
C VAL A 780 -8.72 -12.55 -10.61
N LEU A 781 -9.19 -11.32 -10.62
CA LEU A 781 -9.70 -10.59 -11.75
C LEU A 781 -8.82 -9.52 -12.32
N SER A 782 -7.78 -9.10 -11.62
CA SER A 782 -6.95 -7.99 -12.10
C SER A 782 -5.96 -8.51 -13.10
N ALA A 783 -5.34 -7.62 -13.86
CA ALA A 783 -4.33 -8.06 -14.82
C ALA A 783 -2.97 -7.71 -14.27
N ASP A 784 -1.93 -8.44 -14.64
CA ASP A 784 -0.58 -8.17 -14.17
C ASP A 784 0.25 -7.52 -15.28
N ILE A 785 0.22 -6.21 -15.43
CA ILE A 785 0.96 -5.52 -16.48
C ILE A 785 1.57 -4.25 -15.95
N GLY A 786 2.74 -3.80 -16.31
CA GLY A 786 3.32 -2.56 -15.82
C GLY A 786 2.49 -1.36 -16.23
N THR A 787 2.56 -0.27 -15.46
CA THR A 787 1.78 0.92 -15.76
C THR A 787 2.22 1.56 -17.06
N SER A 788 3.52 1.59 -17.26
CA SER A 788 4.20 2.09 -18.43
C SER A 788 5.65 1.62 -18.29
N LYS A 789 6.49 1.94 -19.26
CA LYS A 789 7.87 1.54 -19.23
C LYS A 789 8.70 2.44 -18.31
N LEU A 790 8.17 3.55 -17.85
CA LEU A 790 8.93 4.41 -16.97
C LEU A 790 9.00 3.88 -15.56
N ALA A 791 7.89 3.53 -14.93
CA ALA A 791 7.88 3.10 -13.54
C ALA A 791 7.59 1.64 -13.33
N GLN A 792 6.94 0.97 -14.26
CA GLN A 792 6.53 -0.41 -14.13
C GLN A 792 5.71 -0.70 -12.88
N GLY A 793 4.86 0.22 -12.46
CA GLY A 793 4.02 0.07 -11.27
C GLY A 793 2.97 -0.99 -11.49
N ASN A 794 2.06 -1.25 -10.57
CA ASN A 794 1.06 -2.29 -10.78
C ASN A 794 -0.22 -1.61 -11.26
N CYS A 795 -1.06 -2.33 -12.01
CA CYS A 795 -2.30 -1.69 -12.43
C CYS A 795 -3.45 -2.40 -11.74
N GLY A 796 -3.34 -2.57 -10.44
CA GLY A 796 -4.30 -3.27 -9.63
C GLY A 796 -5.72 -2.74 -9.61
N GLN A 797 -6.03 -1.56 -10.13
CA GLN A 797 -7.37 -1.03 -10.21
C GLN A 797 -7.79 -0.83 -11.66
N THR A 798 -7.18 -1.57 -12.57
CA THR A 798 -7.55 -1.49 -14.00
C THR A 798 -8.31 -2.78 -14.28
N VAL A 799 -9.48 -2.93 -13.67
CA VAL A 799 -10.24 -4.16 -13.78
C VAL A 799 -11.66 -3.95 -14.32
N LEU A 800 -12.06 -4.77 -15.26
CA LEU A 800 -13.44 -4.75 -15.75
C LEU A 800 -13.97 -6.20 -15.65
N ALA A 801 -15.23 -6.33 -15.26
CA ALA A 801 -15.81 -7.66 -15.16
C ALA A 801 -17.32 -7.65 -15.34
N GLU A 802 -17.85 -8.87 -15.32
CA GLU A 802 -19.28 -9.04 -15.38
C GLU A 802 -19.73 -9.78 -14.13
N VAL A 803 -20.94 -9.44 -13.68
CA VAL A 803 -21.51 -10.07 -12.51
C VAL A 803 -22.80 -10.82 -12.85
N GLU A 804 -22.96 -11.96 -12.22
CA GLU A 804 -24.16 -12.76 -12.31
C GLU A 804 -24.50 -13.45 -10.99
N LYS A 805 -25.79 -13.72 -10.81
CA LYS A 805 -26.21 -14.38 -9.58
C LYS A 805 -25.69 -15.80 -9.51
N TYR A 806 -24.96 -16.23 -8.50
CA TYR A 806 -24.49 -17.61 -8.45
C TYR A 806 -25.59 -18.65 -8.29
N THR A 807 -25.71 -19.54 -9.28
CA THR A 807 -26.75 -20.58 -9.15
C THR A 807 -26.15 -21.97 -9.16
N GLY A 808 -24.84 -22.08 -9.00
CA GLY A 808 -24.12 -23.33 -8.97
C GLY A 808 -24.30 -24.10 -7.67
N PRO A 809 -23.56 -25.19 -7.53
CA PRO A 809 -23.59 -26.03 -6.35
C PRO A 809 -23.25 -25.28 -5.07
N ALA A 810 -23.75 -25.76 -3.93
CA ALA A 810 -23.37 -25.07 -2.69
C ALA A 810 -21.86 -25.22 -2.49
N VAL A 811 -21.27 -24.24 -1.82
CA VAL A 811 -19.81 -24.27 -1.62
C VAL A 811 -19.46 -24.17 -0.16
N THR A 812 -18.33 -24.77 0.20
CA THR A 812 -17.87 -24.75 1.59
C THR A 812 -16.63 -23.88 1.68
N LEU A 813 -16.71 -22.81 2.48
CA LEU A 813 -15.52 -21.97 2.63
C LEU A 813 -14.52 -22.71 3.49
N THR A 814 -13.25 -22.70 3.13
CA THR A 814 -12.27 -23.44 3.93
C THR A 814 -11.03 -22.64 4.27
N GLY A 815 -11.00 -21.34 3.98
CA GLY A 815 -9.84 -20.54 4.26
C GLY A 815 -9.68 -19.98 5.66
N PHE A 816 -10.74 -20.00 6.43
CA PHE A 816 -10.77 -19.44 7.78
C PHE A 816 -10.65 -20.51 8.85
N VAL A 817 -10.28 -21.71 8.42
CA VAL A 817 -9.99 -22.76 9.40
C VAL A 817 -8.59 -23.26 9.04
N ALA A 818 -7.76 -23.64 9.99
CA ALA A 818 -6.44 -24.12 9.67
C ALA A 818 -6.51 -25.47 8.97
N PRO A 819 -5.47 -25.82 8.25
CA PRO A 819 -5.35 -27.10 7.60
C PRO A 819 -5.47 -28.22 8.60
N LYS A 820 -6.21 -29.28 8.32
CA LYS A 820 -6.43 -30.42 9.16
C LYS A 820 -5.20 -30.85 9.93
N ALA A 821 -4.07 -31.01 9.24
CA ALA A 821 -2.84 -31.42 9.90
C ALA A 821 -2.23 -30.36 10.78
N ALA A 822 -2.62 -29.11 10.66
CA ALA A 822 -2.09 -28.03 11.45
C ALA A 822 -2.88 -27.77 12.72
N GLU A 823 -3.76 -28.66 13.12
CA GLU A 823 -4.57 -28.49 14.32
C GLU A 823 -3.85 -29.04 15.54
#